data_5IFK
#
_entry.id   5IFK
#
_cell.length_a   80.780
_cell.length_b   80.780
_cell.length_c   231.161
_cell.angle_alpha   90.000
_cell.angle_beta   90.000
_cell.angle_gamma   120.000
#
_symmetry.space_group_name_H-M   'P 61'
#
loop_
_entity.id
_entity.type
_entity.pdbx_description
1 polymer 'Purine nucleoside phosphorylase'
2 non-polymer HYPOXANTHINE
3 water water
#
_entity_poly.entity_id   1
_entity_poly.type   'polypeptide(L)'
_entity_poly.pdbx_seq_one_letter_code
;MSSLDINEQRALIKSAHRYISEKLEDHFSSEFLPKALVICGSGLSGISTKIADEPKPLILSYSTIPGFKVSTVPGHSGEL
IFGYMNGAPVVLMNGRLHSYEGHSLAETVHPIRALHLLGSINVLIVTNAAGGINASFKAGDLMCVYDHINFPGLCGFHPL
RGANFDEFGPRFLATSDAYDLELRKLLFSKKKELNIERKIHEGTYSYVHGPTFESRAESRFLRLAGTDAVGMSTVPEVVT
ARHCGWRVLALSLITNECVVDPPASAHDENPVPIQEGKATHEEVLENSAKASKDVQELIFSVVAEIHHHHHH
;
_entity_poly.pdbx_strand_id   A,B,C
#
loop_
_chem_comp.id
_chem_comp.type
_chem_comp.name
_chem_comp.formula
HPA non-polymer HYPOXANTHINE 'C5 H4 N4 O'
#
# COMPACT_ATOMS: atom_id res chain seq x y z
N ASP A 5 -14.33 4.80 -18.54
CA ASP A 5 -13.86 3.47 -18.92
C ASP A 5 -14.62 2.38 -18.16
N ILE A 6 -15.58 2.76 -17.35
CA ILE A 6 -16.48 1.77 -16.80
C ILE A 6 -17.34 1.27 -17.94
N ASN A 7 -17.57 2.14 -18.93
CA ASN A 7 -18.30 1.78 -20.12
C ASN A 7 -17.65 0.63 -20.88
N GLU A 8 -16.33 0.73 -21.03
CA GLU A 8 -15.58 -0.28 -21.76
C GLU A 8 -15.47 -1.57 -20.95
N GLN A 9 -15.35 -1.45 -19.63
CA GLN A 9 -15.41 -2.64 -18.78
C GLN A 9 -16.79 -3.30 -18.89
N ARG A 10 -17.84 -2.47 -18.86
CA ARG A 10 -19.19 -2.97 -19.01
C ARG A 10 -19.38 -3.70 -20.33
N ALA A 11 -18.87 -3.10 -21.40
CA ALA A 11 -18.93 -3.71 -22.72
C ALA A 11 -18.26 -5.09 -22.71
N LEU A 12 -17.07 -5.17 -22.12
CA LEU A 12 -16.38 -6.46 -22.00
C LEU A 12 -17.19 -7.49 -21.23
N ILE A 13 -17.69 -7.11 -20.07
CA ILE A 13 -18.52 -7.99 -19.26
C ILE A 13 -19.73 -8.48 -20.04
N LYS A 14 -20.41 -7.56 -20.72
CA LYS A 14 -21.58 -7.94 -21.50
C LYS A 14 -21.22 -8.87 -22.67
N SER A 15 -20.13 -8.60 -23.40
CA SER A 15 -19.78 -9.47 -24.51
C SER A 15 -19.33 -10.85 -24.02
N ALA A 16 -18.61 -10.91 -22.90
CA ALA A 16 -18.22 -12.19 -22.31
C ALA A 16 -19.46 -12.99 -21.93
N HIS A 17 -20.40 -12.32 -21.26
CA HIS A 17 -21.61 -12.98 -20.85
C HIS A 17 -22.45 -13.43 -22.05
N ARG A 18 -22.51 -12.60 -23.09
CA ARG A 18 -23.20 -12.97 -24.32
C ARG A 18 -22.62 -14.28 -24.85
N TYR A 19 -21.30 -14.33 -24.95
CA TYR A 19 -20.58 -15.48 -25.50
C TYR A 19 -20.85 -16.73 -24.70
N ILE A 20 -20.71 -16.59 -23.38
CA ILE A 20 -20.90 -17.70 -22.46
C ILE A 20 -22.32 -18.23 -22.49
N SER A 21 -23.29 -17.30 -22.43
CA SER A 21 -24.69 -17.67 -22.41
C SER A 21 -25.08 -18.40 -23.69
N GLU A 22 -24.61 -17.89 -24.83
CA GLU A 22 -24.95 -18.51 -26.10
C GLU A 22 -24.34 -19.90 -26.23
N LYS A 23 -23.10 -20.05 -25.78
CA LYS A 23 -22.44 -21.35 -25.78
C LYS A 23 -23.17 -22.37 -24.92
N LEU A 24 -23.68 -21.92 -23.78
CA LEU A 24 -24.44 -22.77 -22.87
C LEU A 24 -25.75 -23.21 -23.52
N GLU A 25 -26.39 -22.30 -24.25
CA GLU A 25 -27.65 -22.63 -24.90
C GLU A 25 -27.44 -23.67 -25.99
N ASP A 26 -26.36 -23.51 -26.74
CA ASP A 26 -26.02 -24.43 -27.82
C ASP A 26 -25.63 -25.80 -27.30
N HIS A 27 -25.01 -25.83 -26.13
CA HIS A 27 -24.38 -27.05 -25.64
C HIS A 27 -25.32 -27.95 -24.85
N PHE A 28 -26.02 -27.37 -23.88
CA PHE A 28 -26.88 -28.14 -22.98
C PHE A 28 -28.31 -28.26 -23.46
N SER A 29 -28.89 -29.44 -23.26
CA SER A 29 -30.28 -29.74 -23.67
C SER A 29 -31.28 -28.92 -22.88
N SER A 30 -31.10 -28.91 -21.57
CA SER A 30 -31.89 -28.09 -20.65
C SER A 30 -31.11 -26.82 -20.32
N GLU A 31 -31.81 -25.82 -19.80
CA GLU A 31 -31.16 -24.58 -19.41
C GLU A 31 -30.09 -24.86 -18.34
N PHE A 32 -28.89 -24.29 -18.50
CA PHE A 32 -27.86 -24.53 -17.51
C PHE A 32 -27.66 -23.32 -16.60
N LEU A 33 -28.11 -23.46 -15.36
CA LEU A 33 -28.03 -22.36 -14.39
C LEU A 33 -27.13 -22.72 -13.21
N PRO A 34 -25.83 -22.44 -13.33
CA PRO A 34 -24.90 -22.80 -12.25
C PRO A 34 -25.21 -22.05 -10.96
N LYS A 35 -25.16 -22.77 -9.84
CA LYS A 35 -25.44 -22.19 -8.54
C LYS A 35 -24.16 -21.72 -7.86
N ALA A 36 -23.02 -22.28 -8.26
CA ALA A 36 -21.76 -21.88 -7.65
C ALA A 36 -20.67 -21.70 -8.69
N LEU A 37 -19.73 -20.80 -8.41
CA LEU A 37 -18.46 -20.70 -9.12
C LEU A 37 -17.40 -21.25 -8.18
N VAL A 38 -16.64 -22.22 -8.67
CA VAL A 38 -15.54 -22.75 -7.88
C VAL A 38 -14.23 -22.28 -8.51
N ILE A 39 -13.47 -21.49 -7.78
CA ILE A 39 -12.16 -21.13 -8.28
C ILE A 39 -11.17 -22.15 -7.78
N CYS A 40 -10.62 -22.91 -8.72
CA CYS A 40 -9.78 -24.04 -8.39
C CYS A 40 -8.32 -23.62 -8.30
N GLY A 41 -7.95 -23.04 -7.18
CA GLY A 41 -6.56 -22.74 -6.91
C GLY A 41 -5.88 -24.00 -6.43
N SER A 42 -4.94 -23.83 -5.50
CA SER A 42 -4.16 -24.95 -4.97
C SER A 42 -5.02 -26.05 -4.36
N GLY A 43 -4.61 -27.29 -4.57
CA GLY A 43 -5.35 -28.43 -4.07
C GLY A 43 -6.61 -28.75 -4.86
N LEU A 44 -6.96 -27.93 -5.83
CA LEU A 44 -8.15 -28.20 -6.63
C LEU A 44 -7.87 -28.37 -8.12
N SER A 45 -6.60 -28.45 -8.48
CA SER A 45 -6.20 -28.66 -9.88
C SER A 45 -6.83 -29.91 -10.52
N GLY A 46 -7.27 -30.85 -9.69
CA GLY A 46 -7.82 -32.08 -10.21
C GLY A 46 -9.33 -32.23 -10.14
N ILE A 47 -10.01 -31.27 -9.52
CA ILE A 47 -11.42 -31.46 -9.26
C ILE A 47 -12.30 -31.41 -10.51
N SER A 48 -11.78 -30.82 -11.59
CA SER A 48 -12.49 -30.83 -12.86
C SER A 48 -12.81 -32.26 -13.31
N THR A 49 -11.98 -33.22 -12.89
CA THR A 49 -12.19 -34.63 -13.25
C THR A 49 -13.45 -35.20 -12.59
N LYS A 50 -13.91 -34.53 -11.54
CA LYS A 50 -15.07 -35.00 -10.79
C LYS A 50 -16.38 -34.48 -11.37
N ILE A 51 -16.28 -33.59 -12.36
CA ILE A 51 -17.45 -33.15 -13.08
C ILE A 51 -18.05 -34.37 -13.80
N ALA A 52 -19.36 -34.54 -13.68
CA ALA A 52 -20.05 -35.67 -14.31
C ALA A 52 -19.87 -35.64 -15.82
N ASP A 53 -19.75 -36.83 -16.43
CA ASP A 53 -19.65 -36.92 -17.89
C ASP A 53 -21.00 -36.78 -18.55
N GLU A 54 -22.06 -37.01 -17.79
CA GLU A 54 -23.42 -36.87 -18.30
C GLU A 54 -24.23 -35.93 -17.41
N PRO A 55 -24.80 -34.86 -17.99
CA PRO A 55 -24.61 -34.45 -19.38
C PRO A 55 -23.19 -33.94 -19.62
N LYS A 56 -22.74 -33.95 -20.87
CA LYS A 56 -21.36 -33.60 -21.15
C LYS A 56 -21.11 -32.15 -20.72
N PRO A 57 -19.98 -31.91 -20.05
CA PRO A 57 -19.67 -30.55 -19.63
C PRO A 57 -19.17 -29.69 -20.78
N LEU A 58 -19.25 -28.37 -20.60
CA LEU A 58 -18.78 -27.41 -21.58
C LEU A 58 -17.47 -26.79 -21.14
N ILE A 59 -16.44 -26.86 -21.98
CA ILE A 59 -15.16 -26.23 -21.63
C ILE A 59 -14.94 -24.98 -22.45
N LEU A 60 -14.82 -23.85 -21.76
CA LEU A 60 -14.55 -22.58 -22.41
C LEU A 60 -13.17 -22.07 -22.02
N SER A 61 -12.27 -22.07 -23.00
CA SER A 61 -10.94 -21.53 -22.82
C SER A 61 -11.02 -20.01 -22.62
N TYR A 62 -10.14 -19.47 -21.78
CA TYR A 62 -10.09 -18.02 -21.58
C TYR A 62 -9.82 -17.32 -22.91
N SER A 63 -9.04 -18.00 -23.76
CA SER A 63 -8.68 -17.48 -25.06
C SER A 63 -9.89 -17.25 -26.01
N THR A 64 -11.00 -17.93 -25.75
CA THR A 64 -12.17 -17.82 -26.63
C THR A 64 -13.25 -16.89 -26.06
N ILE A 65 -13.10 -16.49 -24.80
CA ILE A 65 -14.07 -15.60 -24.17
C ILE A 65 -13.54 -14.16 -24.09
N PRO A 66 -14.35 -13.19 -24.57
CA PRO A 66 -14.08 -11.75 -24.43
C PRO A 66 -13.69 -11.28 -23.01
N GLY A 67 -12.63 -10.47 -22.91
CA GLY A 67 -12.19 -9.94 -21.64
C GLY A 67 -11.28 -10.87 -20.86
N PHE A 68 -11.46 -12.16 -21.05
CA PHE A 68 -10.61 -13.15 -20.41
C PHE A 68 -9.21 -13.08 -21.05
N LYS A 69 -8.16 -13.20 -20.24
CA LYS A 69 -6.82 -12.88 -20.76
C LYS A 69 -5.85 -14.06 -20.87
N VAL A 70 -5.77 -14.88 -19.82
CA VAL A 70 -4.80 -15.98 -19.69
C VAL A 70 -3.41 -15.65 -20.25
N GLY A 78 -5.82 -21.51 -18.89
CA GLY A 78 -6.99 -20.96 -18.24
C GLY A 78 -8.30 -21.33 -18.92
N GLU A 79 -9.27 -21.80 -18.13
CA GLU A 79 -10.56 -22.19 -18.69
C GLU A 79 -11.71 -22.22 -17.67
N LEU A 80 -12.92 -22.03 -18.19
CA LEU A 80 -14.16 -22.25 -17.44
C LEU A 80 -14.78 -23.57 -17.84
N ILE A 81 -15.20 -24.35 -16.85
CA ILE A 81 -15.81 -25.63 -17.09
C ILE A 81 -17.22 -25.61 -16.50
N PHE A 82 -18.20 -25.86 -17.35
CA PHE A 82 -19.60 -25.82 -16.94
C PHE A 82 -20.14 -27.23 -16.92
N GLY A 83 -20.63 -27.68 -15.77
CA GLY A 83 -21.21 -29.01 -15.71
C GLY A 83 -21.80 -29.31 -14.36
N TYR A 84 -22.13 -30.57 -14.14
CA TYR A 84 -22.76 -30.98 -12.90
C TYR A 84 -21.75 -31.69 -11.99
N MET A 85 -21.64 -31.19 -10.77
CA MET A 85 -20.77 -31.81 -9.80
C MET A 85 -21.57 -32.25 -8.59
N ASN A 86 -21.62 -33.57 -8.37
CA ASN A 86 -22.39 -34.15 -7.28
C ASN A 86 -23.87 -33.76 -7.41
N GLY A 87 -24.36 -33.76 -8.65
CA GLY A 87 -25.73 -33.39 -8.91
C GLY A 87 -26.04 -31.89 -8.96
N ALA A 88 -25.05 -31.04 -8.69
CA ALA A 88 -25.26 -29.60 -8.71
C ALA A 88 -24.59 -28.93 -9.91
N PRO A 89 -25.33 -28.05 -10.61
CA PRO A 89 -24.76 -27.29 -11.73
C PRO A 89 -23.74 -26.24 -11.22
N VAL A 90 -22.50 -26.35 -11.69
CA VAL A 90 -21.47 -25.40 -11.26
C VAL A 90 -20.65 -24.88 -12.44
N VAL A 91 -19.89 -23.83 -12.19
CA VAL A 91 -18.83 -23.38 -13.09
C VAL A 91 -17.51 -23.51 -12.36
N LEU A 92 -16.52 -24.14 -13.00
CA LEU A 92 -15.17 -24.20 -12.46
C LEU A 92 -14.28 -23.21 -13.18
N MET A 93 -13.51 -22.44 -12.41
CA MET A 93 -12.42 -21.66 -12.95
C MET A 93 -11.08 -22.37 -12.72
N ASN A 94 -10.44 -22.81 -13.79
CA ASN A 94 -9.06 -23.31 -13.78
C ASN A 94 -8.10 -22.31 -14.40
N GLY A 95 -7.05 -21.93 -13.69
CA GLY A 95 -6.02 -21.11 -14.30
C GLY A 95 -6.25 -19.63 -14.12
N ARG A 96 -6.71 -19.29 -12.92
CA ARG A 96 -6.94 -17.91 -12.47
C ARG A 96 -5.78 -16.96 -12.77
N LEU A 97 -6.09 -15.68 -12.97
CA LEU A 97 -5.09 -14.64 -13.17
C LEU A 97 -4.58 -14.07 -11.86
N HIS A 98 -3.32 -13.60 -11.86
CA HIS A 98 -2.69 -13.04 -10.66
C HIS A 98 -2.14 -11.62 -10.89
N SER A 99 -2.39 -10.73 -9.93
CA SER A 99 -1.92 -9.34 -10.01
C SER A 99 -0.41 -9.21 -10.15
N TYR A 100 0.34 -10.11 -9.49
CA TYR A 100 1.80 -9.99 -9.54
C TYR A 100 2.32 -10.26 -10.94
N GLU A 101 1.46 -10.84 -11.78
CA GLU A 101 1.83 -11.07 -13.17
C GLU A 101 1.67 -9.81 -13.99
N GLY A 102 1.06 -8.78 -13.40
CA GLY A 102 0.91 -7.51 -14.10
C GLY A 102 -0.50 -7.15 -14.50
N HIS A 103 -1.46 -8.05 -14.28
CA HIS A 103 -2.85 -7.78 -14.63
C HIS A 103 -3.50 -6.79 -13.66
N SER A 104 -4.40 -5.95 -14.18
CA SER A 104 -5.20 -5.09 -13.33
C SER A 104 -6.16 -5.95 -12.53
N LEU A 105 -6.64 -5.43 -11.40
CA LEU A 105 -7.58 -6.17 -10.58
C LEU A 105 -8.91 -6.28 -11.32
N ALA A 106 -9.24 -5.30 -12.15
CA ALA A 106 -10.40 -5.40 -13.02
C ALA A 106 -10.33 -6.64 -13.91
N GLU A 107 -9.18 -6.83 -14.56
CA GLU A 107 -8.96 -7.99 -15.41
C GLU A 107 -9.08 -9.28 -14.60
N THR A 108 -8.57 -9.26 -13.37
CA THR A 108 -8.56 -10.42 -12.50
C THR A 108 -9.97 -10.86 -12.08
N VAL A 109 -10.88 -9.92 -11.85
CA VAL A 109 -12.19 -10.26 -11.30
C VAL A 109 -13.28 -10.19 -12.37
N HIS A 110 -12.90 -9.77 -13.57
CA HIS A 110 -13.80 -9.75 -14.71
C HIS A 110 -14.66 -11.03 -14.87
N PRO A 111 -14.06 -12.23 -14.68
CA PRO A 111 -14.88 -13.46 -14.78
C PRO A 111 -16.08 -13.54 -13.83
N ILE A 112 -15.93 -12.98 -12.63
CA ILE A 112 -17.01 -13.02 -11.66
C ILE A 112 -18.19 -12.15 -12.11
N ARG A 113 -17.89 -10.99 -12.67
CA ARG A 113 -18.93 -10.08 -13.15
C ARG A 113 -19.64 -10.65 -14.37
N ALA A 114 -18.86 -11.19 -15.31
CA ALA A 114 -19.44 -11.82 -16.49
C ALA A 114 -20.37 -12.96 -16.10
N LEU A 115 -19.95 -13.79 -15.16
CA LEU A 115 -20.74 -14.95 -14.76
C LEU A 115 -21.95 -14.55 -13.92
N HIS A 116 -21.84 -13.42 -13.21
CA HIS A 116 -22.95 -12.93 -12.40
C HIS A 116 -24.17 -12.67 -13.28
N LEU A 117 -23.92 -12.29 -14.53
CA LEU A 117 -24.98 -11.97 -15.48
C LEU A 117 -25.80 -13.17 -15.92
N LEU A 118 -25.33 -14.38 -15.61
CA LEU A 118 -26.17 -15.55 -15.82
C LEU A 118 -27.37 -15.53 -14.88
N GLY A 119 -27.25 -14.77 -13.78
CA GLY A 119 -28.36 -14.63 -12.85
C GLY A 119 -28.64 -15.78 -11.89
N SER A 120 -27.82 -16.84 -11.92
CA SER A 120 -28.11 -18.03 -11.09
C SER A 120 -27.09 -18.31 -9.98
N ILE A 121 -25.87 -17.82 -10.15
CA ILE A 121 -24.82 -18.07 -9.16
C ILE A 121 -25.04 -17.29 -7.86
N ASN A 122 -25.01 -17.97 -6.72
CA ASN A 122 -25.11 -17.26 -5.44
C ASN A 122 -24.01 -17.65 -4.46
N VAL A 123 -23.06 -18.45 -4.92
CA VAL A 123 -21.92 -18.84 -4.08
C VAL A 123 -20.60 -18.84 -4.82
N LEU A 124 -19.60 -18.24 -4.17
CA LEU A 124 -18.21 -18.42 -4.56
C LEU A 124 -17.52 -19.40 -3.59
N ILE A 125 -16.93 -20.45 -4.15
CA ILE A 125 -16.04 -21.34 -3.38
C ILE A 125 -14.64 -21.16 -3.94
N VAL A 126 -13.69 -20.70 -3.12
CA VAL A 126 -12.34 -20.49 -3.64
C VAL A 126 -11.30 -21.18 -2.77
N THR A 127 -10.28 -21.75 -3.40
CA THR A 127 -9.15 -22.31 -2.67
C THR A 127 -7.87 -21.62 -3.10
N ASN A 128 -6.84 -21.69 -2.24
CA ASN A 128 -5.53 -21.12 -2.55
C ASN A 128 -4.46 -21.74 -1.67
N ALA A 129 -3.20 -21.50 -2.02
CA ALA A 129 -2.11 -21.87 -1.13
C ALA A 129 -1.80 -20.68 -0.23
N ALA A 130 -1.38 -20.94 1.00
CA ALA A 130 -1.02 -19.86 1.90
C ALA A 130 0.14 -20.23 2.79
N GLY A 131 0.94 -19.24 3.19
CA GLY A 131 1.98 -19.47 4.17
C GLY A 131 1.35 -19.38 5.53
N GLY A 132 1.74 -20.29 6.42
CA GLY A 132 1.24 -20.26 7.77
C GLY A 132 1.90 -19.16 8.60
N ILE A 133 1.08 -18.28 9.16
CA ILE A 133 1.60 -17.19 9.97
C ILE A 133 1.34 -17.47 11.45
N ASN A 134 0.14 -17.99 11.73
CA ASN A 134 -0.21 -18.47 13.07
C ASN A 134 0.79 -19.56 13.49
N ALA A 135 1.44 -19.36 14.63
CA ALA A 135 2.52 -20.24 15.08
C ALA A 135 2.10 -21.70 15.26
N SER A 136 0.80 -21.96 15.39
CA SER A 136 0.33 -23.32 15.62
C SER A 136 0.06 -24.08 14.32
N PHE A 137 0.03 -23.37 13.19
CA PHE A 137 -0.23 -24.03 11.90
C PHE A 137 0.98 -24.82 11.44
N LYS A 138 0.75 -25.96 10.80
CA LYS A 138 1.83 -26.72 10.19
C LYS A 138 1.55 -26.91 8.70
N ALA A 139 2.60 -27.10 7.92
CA ALA A 139 2.46 -27.46 6.52
C ALA A 139 1.54 -28.68 6.41
N GLY A 140 0.56 -28.63 5.52
CA GLY A 140 -0.37 -29.73 5.39
C GLY A 140 -1.74 -29.42 5.98
N ASP A 141 -1.79 -28.51 6.96
CA ASP A 141 -3.06 -28.09 7.53
C ASP A 141 -3.89 -27.30 6.51
N LEU A 142 -5.20 -27.25 6.74
CA LEU A 142 -6.06 -26.35 5.98
C LEU A 142 -6.52 -25.22 6.88
N MET A 143 -6.94 -24.11 6.29
CA MET A 143 -7.61 -23.06 7.05
C MET A 143 -8.87 -22.59 6.35
N CYS A 144 -10.00 -22.86 6.98
CA CYS A 144 -11.25 -22.25 6.58
C CYS A 144 -11.19 -20.76 6.89
N VAL A 145 -11.37 -19.91 5.89
CA VAL A 145 -11.22 -18.47 6.08
C VAL A 145 -12.50 -17.86 6.68
N TYR A 146 -12.39 -17.11 7.78
CA TYR A 146 -13.58 -16.47 8.35
C TYR A 146 -13.44 -14.94 8.34
N ASP A 147 -12.30 -14.47 7.87
CA ASP A 147 -12.04 -13.02 7.83
C ASP A 147 -10.81 -12.76 6.97
N HIS A 148 -10.66 -11.54 6.47
CA HIS A 148 -9.44 -11.18 5.77
C HIS A 148 -8.94 -9.78 6.06
N ILE A 149 -7.67 -9.56 5.72
CA ILE A 149 -7.10 -8.21 5.68
C ILE A 149 -6.69 -7.97 4.24
N ASN A 150 -7.31 -6.98 3.61
CA ASN A 150 -6.99 -6.64 2.23
C ASN A 150 -5.96 -5.51 2.21
N PHE A 151 -4.71 -5.86 2.44
CA PHE A 151 -3.66 -4.86 2.52
C PHE A 151 -3.52 -3.97 1.27
N PRO A 152 -3.41 -4.58 0.07
CA PRO A 152 -3.34 -3.71 -1.11
C PRO A 152 -4.57 -2.80 -1.27
N GLY A 153 -5.74 -3.33 -0.92
CA GLY A 153 -7.00 -2.59 -1.02
C GLY A 153 -7.05 -1.36 -0.14
N LEU A 154 -6.53 -1.47 1.09
CA LEU A 154 -6.45 -0.35 2.01
C LEU A 154 -5.60 0.76 1.41
N CYS A 155 -4.64 0.37 0.56
CA CYS A 155 -3.65 1.31 0.03
C CYS A 155 -3.90 1.73 -1.40
N GLY A 156 -5.02 1.32 -1.99
CA GLY A 156 -5.37 1.82 -3.32
C GLY A 156 -5.37 0.79 -4.43
N PHE A 157 -4.86 -0.41 -4.13
CA PHE A 157 -4.90 -1.53 -5.08
C PHE A 157 -6.14 -2.38 -4.77
N HIS A 158 -7.28 -1.95 -5.31
CA HIS A 158 -8.60 -2.41 -4.84
C HIS A 158 -9.49 -2.72 -6.03
N PRO A 159 -10.16 -3.88 -6.04
CA PRO A 159 -10.98 -4.27 -7.19
C PRO A 159 -12.19 -3.39 -7.44
N LEU A 160 -12.62 -2.61 -6.45
CA LEU A 160 -13.80 -1.78 -6.64
C LEU A 160 -13.40 -0.34 -6.93
N ARG A 161 -12.09 -0.10 -7.04
CA ARG A 161 -11.61 1.25 -7.38
C ARG A 161 -12.18 1.64 -8.74
N GLY A 162 -12.67 2.87 -8.85
CA GLY A 162 -13.25 3.38 -10.08
C GLY A 162 -14.73 3.62 -9.92
N ALA A 163 -15.39 3.98 -11.02
CA ALA A 163 -16.85 4.16 -11.02
C ALA A 163 -17.53 2.89 -10.54
N ASN A 164 -18.59 3.04 -9.73
CA ASN A 164 -19.26 1.87 -9.20
C ASN A 164 -20.11 1.14 -10.24
N PHE A 165 -20.08 -0.20 -10.24
CA PHE A 165 -21.01 -0.98 -11.03
C PHE A 165 -22.35 -1.04 -10.29
N ASP A 166 -23.16 0.01 -10.43
CA ASP A 166 -24.38 0.11 -9.64
C ASP A 166 -25.38 -0.98 -9.98
N GLU A 167 -25.27 -1.56 -11.17
CA GLU A 167 -26.20 -2.63 -11.54
C GLU A 167 -25.86 -3.93 -10.77
N PHE A 168 -24.69 -3.98 -10.15
CA PHE A 168 -24.28 -5.19 -9.42
C PHE A 168 -24.37 -5.03 -7.91
N GLY A 169 -23.96 -3.86 -7.42
CA GLY A 169 -23.87 -3.68 -5.98
C GLY A 169 -23.66 -2.23 -5.58
N PRO A 170 -23.49 -2.00 -4.27
CA PRO A 170 -23.45 -0.67 -3.67
C PRO A 170 -22.08 0.01 -3.80
N ARG A 171 -22.09 1.34 -3.81
CA ARG A 171 -20.86 2.12 -3.87
C ARG A 171 -19.93 1.72 -2.74
N PHE A 172 -20.52 1.60 -1.55
CA PHE A 172 -19.80 1.30 -0.33
C PHE A 172 -20.20 -0.06 0.17
N LEU A 173 -19.26 -1.00 0.12
CA LEU A 173 -19.58 -2.39 0.44
C LEU A 173 -19.02 -2.76 1.80
N ALA A 174 -19.85 -3.31 2.67
CA ALA A 174 -19.34 -3.82 3.96
C ALA A 174 -18.62 -5.14 3.73
N THR A 175 -17.52 -5.36 4.43
CA THR A 175 -16.83 -6.63 4.32
C THR A 175 -16.72 -7.34 5.67
N SER A 176 -17.38 -6.80 6.70
CA SER A 176 -17.37 -7.43 8.02
C SER A 176 -18.15 -8.73 8.01
N ASP A 177 -18.90 -9.00 6.95
CA ASP A 177 -19.71 -10.22 6.90
C ASP A 177 -19.38 -11.09 5.68
N ALA A 178 -18.13 -11.02 5.21
CA ALA A 178 -17.78 -11.59 3.90
C ALA A 178 -17.85 -13.12 3.84
N TYR A 179 -17.61 -13.80 4.97
CA TYR A 179 -17.45 -15.24 4.92
C TYR A 179 -18.60 -15.94 5.62
N ASP A 180 -19.53 -16.40 4.80
CA ASP A 180 -20.83 -16.95 5.22
C ASP A 180 -20.68 -18.00 6.33
N LEU A 181 -21.36 -17.77 7.45
CA LEU A 181 -21.28 -18.67 8.60
C LEU A 181 -21.86 -20.06 8.29
N GLU A 182 -22.99 -20.11 7.60
CA GLU A 182 -23.65 -21.37 7.31
C GLU A 182 -22.77 -22.23 6.39
N LEU A 183 -22.09 -21.59 5.43
CA LEU A 183 -21.19 -22.34 4.55
C LEU A 183 -19.97 -22.87 5.31
N ARG A 184 -19.48 -22.14 6.31
CA ARG A 184 -18.33 -22.62 7.08
C ARG A 184 -18.73 -23.84 7.94
N LYS A 185 -19.92 -23.75 8.54
CA LYS A 185 -20.45 -24.88 9.30
C LYS A 185 -20.62 -26.11 8.42
N LEU A 186 -21.05 -25.90 7.18
CA LEU A 186 -21.23 -26.98 6.22
C LEU A 186 -19.89 -27.65 5.90
N LEU A 187 -18.87 -26.81 5.78
CA LEU A 187 -17.52 -27.30 5.53
C LEU A 187 -17.09 -28.24 6.63
N PHE A 188 -17.25 -27.80 7.88
CA PHE A 188 -16.83 -28.61 9.01
C PHE A 188 -17.68 -29.87 9.18
N SER A 189 -18.96 -29.78 8.84
CA SER A 189 -19.83 -30.95 8.80
C SER A 189 -19.29 -32.01 7.85
N LYS A 190 -18.95 -31.59 6.65
CA LYS A 190 -18.46 -32.52 5.63
C LYS A 190 -17.12 -33.11 6.04
N LYS A 191 -16.26 -32.29 6.65
CA LYS A 191 -14.99 -32.79 7.19
C LYS A 191 -15.24 -33.98 8.11
N LYS A 192 -16.22 -33.82 8.99
CA LYS A 192 -16.56 -34.86 9.93
C LYS A 192 -17.17 -36.05 9.21
N GLU A 193 -18.03 -35.78 8.23
CA GLU A 193 -18.69 -36.81 7.43
C GLU A 193 -17.70 -37.67 6.64
N LEU A 194 -16.65 -37.04 6.11
CA LEU A 194 -15.67 -37.71 5.26
C LEU A 194 -14.55 -38.38 6.06
N ASN A 195 -14.59 -38.22 7.39
CA ASN A 195 -13.56 -38.72 8.28
C ASN A 195 -12.18 -38.19 7.90
N ILE A 196 -12.13 -36.92 7.51
CA ILE A 196 -10.86 -36.35 7.09
C ILE A 196 -10.10 -35.93 8.36
N GLU A 197 -8.92 -36.53 8.56
CA GLU A 197 -8.14 -36.26 9.77
C GLU A 197 -7.28 -34.99 9.64
N ARG A 198 -7.10 -34.51 8.41
CA ARG A 198 -6.35 -33.28 8.16
C ARG A 198 -6.97 -32.12 8.94
N LYS A 199 -6.14 -31.36 9.67
CA LYS A 199 -6.65 -30.22 10.44
C LYS A 199 -7.25 -29.14 9.56
N ILE A 200 -8.38 -28.59 9.99
CA ILE A 200 -8.93 -27.39 9.34
C ILE A 200 -9.11 -26.35 10.43
N HIS A 201 -8.25 -25.36 10.39
CA HIS A 201 -8.32 -24.22 11.29
C HIS A 201 -9.38 -23.27 10.78
N GLU A 202 -9.73 -22.32 11.63
CA GLU A 202 -10.58 -21.21 11.22
C GLU A 202 -9.75 -19.97 11.48
N GLY A 203 -9.58 -19.10 10.49
CA GLY A 203 -8.81 -17.91 10.76
C GLY A 203 -8.83 -16.84 9.69
N THR A 204 -7.96 -15.85 9.91
CA THR A 204 -7.89 -14.68 9.08
C THR A 204 -6.83 -14.84 7.98
N TYR A 205 -7.22 -14.54 6.76
CA TYR A 205 -6.33 -14.62 5.60
C TYR A 205 -5.89 -13.22 5.22
N SER A 206 -4.59 -12.98 5.10
CA SER A 206 -4.13 -11.69 4.60
C SER A 206 -3.65 -11.81 3.16
N TYR A 207 -4.17 -10.91 2.34
CA TYR A 207 -3.78 -10.82 0.95
C TYR A 207 -2.63 -9.81 0.84
N VAL A 208 -1.50 -10.26 0.29
CA VAL A 208 -0.39 -9.39 -0.04
C VAL A 208 -0.13 -9.58 -1.53
N HIS A 209 0.55 -8.62 -2.16
CA HIS A 209 0.68 -8.63 -3.62
C HIS A 209 1.61 -9.72 -4.18
N GLY A 210 2.73 -9.97 -3.50
CA GLY A 210 3.76 -10.86 -4.05
C GLY A 210 4.55 -10.15 -5.13
N PRO A 211 5.38 -10.87 -5.90
CA PRO A 211 5.56 -12.32 -5.91
C PRO A 211 6.67 -12.79 -4.97
N THR A 212 7.24 -11.91 -4.17
CA THR A 212 8.22 -12.35 -3.15
C THR A 212 7.50 -13.07 -2.04
N PHE A 213 8.15 -14.05 -1.44
CA PHE A 213 7.75 -14.59 -0.14
C PHE A 213 8.19 -13.60 0.94
N GLU A 214 7.47 -13.57 2.05
CA GLU A 214 7.68 -12.55 3.08
C GLU A 214 9.03 -12.68 3.76
N SER A 215 9.66 -11.54 4.03
CA SER A 215 10.84 -11.53 4.89
C SER A 215 10.42 -11.96 6.30
N ARG A 216 11.38 -12.18 7.20
CA ARG A 216 11.03 -12.53 8.57
C ARG A 216 10.27 -11.38 9.26
N ALA A 217 10.76 -10.16 9.09
CA ALA A 217 10.10 -9.01 9.69
C ALA A 217 8.71 -8.80 9.09
N GLU A 218 8.54 -9.12 7.81
CA GLU A 218 7.23 -8.97 7.18
C GLU A 218 6.22 -9.95 7.77
N SER A 219 6.65 -11.19 7.97
CA SER A 219 5.77 -12.22 8.56
C SER A 219 5.41 -11.88 10.00
N ARG A 220 6.41 -11.39 10.74
CA ARG A 220 6.19 -10.96 12.10
C ARG A 220 5.18 -9.82 12.13
N PHE A 221 5.30 -8.90 11.18
CA PHE A 221 4.33 -7.82 11.06
C PHE A 221 2.93 -8.37 10.80
N LEU A 222 2.81 -9.26 9.82
CA LEU A 222 1.55 -9.91 9.50
C LEU A 222 0.96 -10.63 10.73
N ARG A 223 1.80 -11.34 11.46
CA ARG A 223 1.34 -12.05 12.66
C ARG A 223 0.78 -11.05 13.66
N LEU A 224 1.56 -10.01 13.92
CA LEU A 224 1.18 -8.93 14.81
C LEU A 224 -0.12 -8.22 14.41
N ALA A 225 -0.33 -8.11 13.10
CA ALA A 225 -1.53 -7.48 12.56
C ALA A 225 -2.76 -8.40 12.65
N GLY A 226 -2.55 -9.65 13.07
CA GLY A 226 -3.66 -10.58 13.24
C GLY A 226 -3.85 -11.60 12.10
N THR A 227 -2.82 -11.75 11.26
CA THR A 227 -2.87 -12.71 10.17
C THR A 227 -2.70 -14.14 10.68
N ASP A 228 -3.52 -15.07 10.18
CA ASP A 228 -3.28 -16.48 10.42
C ASP A 228 -2.63 -17.17 9.22
N ALA A 229 -2.99 -16.75 8.01
CA ALA A 229 -2.33 -17.28 6.81
C ALA A 229 -2.16 -16.16 5.81
N VAL A 230 -1.10 -16.21 5.01
CA VAL A 230 -0.89 -15.15 4.01
C VAL A 230 -0.82 -15.73 2.61
N GLY A 231 -1.45 -15.07 1.66
CA GLY A 231 -1.33 -15.50 0.27
C GLY A 231 -1.38 -14.35 -0.71
N MET A 232 -1.17 -14.65 -1.98
CA MET A 232 -1.06 -13.63 -3.00
C MET A 232 -2.29 -13.57 -3.89
N SER A 233 -3.41 -14.11 -3.43
CA SER A 233 -4.62 -14.20 -4.27
C SER A 233 -5.91 -14.07 -3.47
N THR A 234 -7.02 -14.33 -4.17
CA THR A 234 -8.33 -14.63 -3.57
C THR A 234 -9.17 -13.46 -3.00
N VAL A 235 -8.59 -12.59 -2.19
CA VAL A 235 -9.37 -11.51 -1.59
C VAL A 235 -10.03 -10.55 -2.62
N PRO A 236 -9.33 -10.21 -3.72
CA PRO A 236 -10.07 -9.41 -4.72
C PRO A 236 -11.32 -10.10 -5.27
N GLU A 237 -11.22 -11.40 -5.54
CA GLU A 237 -12.38 -12.19 -5.97
C GLU A 237 -13.47 -12.26 -4.91
N VAL A 238 -13.05 -12.44 -3.67
CA VAL A 238 -14.02 -12.48 -2.57
C VAL A 238 -14.77 -11.13 -2.51
N VAL A 239 -14.03 -10.02 -2.53
CA VAL A 239 -14.67 -8.69 -2.43
C VAL A 239 -15.61 -8.47 -3.61
N THR A 240 -15.19 -8.90 -4.79
CA THR A 240 -16.02 -8.72 -5.98
C THR A 240 -17.26 -9.59 -5.90
N ALA A 241 -17.10 -10.86 -5.49
CA ALA A 241 -18.23 -11.75 -5.32
C ALA A 241 -19.23 -11.17 -4.31
N ARG A 242 -18.72 -10.57 -3.23
CA ARG A 242 -19.59 -9.93 -2.25
C ARG A 242 -20.28 -8.70 -2.82
N HIS A 243 -19.60 -7.96 -3.68
CA HIS A 243 -20.23 -6.78 -4.30
C HIS A 243 -21.44 -7.22 -5.14
N CYS A 244 -21.34 -8.42 -5.73
CA CYS A 244 -22.42 -9.00 -6.52
C CYS A 244 -23.49 -9.65 -5.64
N GLY A 245 -23.23 -9.73 -4.34
CA GLY A 245 -24.21 -10.26 -3.42
C GLY A 245 -24.13 -11.77 -3.20
N TRP A 246 -23.04 -12.40 -3.66
CA TRP A 246 -22.84 -13.83 -3.47
C TRP A 246 -22.39 -14.17 -2.06
N ARG A 247 -22.69 -15.38 -1.63
CA ARG A 247 -22.07 -15.96 -0.45
C ARG A 247 -20.67 -16.47 -0.82
N VAL A 248 -19.77 -16.53 0.15
CA VAL A 248 -18.39 -16.95 -0.10
C VAL A 248 -17.94 -18.00 0.90
N LEU A 249 -17.34 -19.08 0.38
CA LEU A 249 -16.61 -20.04 1.19
C LEU A 249 -15.17 -20.06 0.68
N ALA A 250 -14.22 -19.82 1.57
CA ALA A 250 -12.82 -19.81 1.16
C ALA A 250 -12.00 -20.77 2.01
N LEU A 251 -11.13 -21.54 1.37
CA LEU A 251 -10.33 -22.54 2.05
C LEU A 251 -8.88 -22.42 1.62
N SER A 252 -7.99 -22.22 2.59
CA SER A 252 -6.56 -22.08 2.33
C SER A 252 -5.81 -23.35 2.65
N LEU A 253 -4.87 -23.72 1.79
CA LEU A 253 -3.95 -24.82 2.06
C LEU A 253 -2.69 -24.24 2.68
N ILE A 254 -2.33 -24.66 3.89
CA ILE A 254 -1.10 -24.17 4.46
C ILE A 254 0.03 -24.97 3.82
N THR A 255 0.77 -24.33 2.91
CA THR A 255 1.78 -25.05 2.13
C THR A 255 3.17 -24.98 2.73
N ASN A 256 3.34 -24.07 3.68
CA ASN A 256 4.64 -23.82 4.28
C ASN A 256 4.46 -22.98 5.54
N GLU A 257 5.44 -23.03 6.43
CA GLU A 257 5.37 -22.25 7.65
C GLU A 257 6.29 -21.05 7.48
N CYS A 258 5.73 -19.85 7.53
CA CYS A 258 6.55 -18.67 7.33
C CYS A 258 7.63 -18.56 8.40
N VAL A 259 8.82 -18.21 7.94
CA VAL A 259 9.94 -17.94 8.84
C VAL A 259 9.70 -16.58 9.50
N VAL A 260 9.59 -16.55 10.83
CA VAL A 260 9.37 -15.30 11.57
C VAL A 260 10.50 -14.92 12.52
N ASP A 261 11.31 -15.88 12.93
CA ASP A 261 12.40 -15.59 13.86
C ASP A 261 13.39 -14.63 13.21
N PRO A 262 13.98 -13.74 14.03
CA PRO A 262 14.98 -12.79 13.50
C PRO A 262 16.12 -13.55 12.85
N PRO A 263 16.71 -12.99 11.79
CA PRO A 263 17.89 -13.67 11.23
C PRO A 263 19.06 -13.65 12.20
N ALA A 264 20.02 -14.55 11.97
CA ALA A 264 21.22 -14.63 12.77
C ALA A 264 21.90 -13.27 12.87
N SER A 265 22.28 -12.92 14.08
CA SER A 265 23.08 -11.72 14.31
C SER A 265 24.53 -11.94 13.90
N ALA A 266 25.15 -10.90 13.37
CA ALA A 266 26.58 -10.92 13.11
C ALA A 266 27.40 -11.18 14.39
N HIS A 267 26.80 -11.00 15.57
CA HIS A 267 27.54 -11.23 16.81
C HIS A 267 27.31 -12.62 17.41
N ASP A 268 26.45 -13.42 16.76
CA ASP A 268 26.20 -14.79 17.21
C ASP A 268 27.41 -15.69 16.97
N GLU A 269 27.82 -16.46 17.96
CA GLU A 269 28.96 -17.35 17.75
C GLU A 269 28.54 -18.60 16.98
N ASN A 270 27.29 -19.01 17.18
CA ASN A 270 26.75 -20.15 16.45
C ASN A 270 25.47 -19.79 15.70
N PRO A 271 25.62 -18.99 14.63
CA PRO A 271 24.49 -18.48 13.87
C PRO A 271 23.73 -19.55 13.09
N VAL A 272 22.42 -19.36 13.01
CA VAL A 272 21.57 -20.19 12.17
C VAL A 272 21.55 -19.62 10.75
N PRO A 273 21.86 -20.46 9.75
CA PRO A 273 21.92 -20.01 8.34
C PRO A 273 20.64 -19.29 7.92
N ILE A 274 20.78 -18.10 7.34
CA ILE A 274 19.61 -17.28 7.06
C ILE A 274 18.71 -17.91 5.99
N GLN A 275 19.26 -18.80 5.19
CA GLN A 275 18.46 -19.45 4.17
C GLN A 275 17.73 -20.69 4.72
N GLU A 276 18.06 -21.09 5.95
CA GLU A 276 17.41 -22.25 6.56
C GLU A 276 15.88 -22.07 6.60
N GLY A 277 15.17 -23.09 6.11
CA GLY A 277 13.72 -23.09 6.10
C GLY A 277 13.08 -22.10 5.14
N LYS A 278 13.84 -21.59 4.16
CA LYS A 278 13.31 -20.55 3.27
C LYS A 278 12.20 -21.13 2.37
N ALA A 279 11.14 -20.36 2.19
CA ALA A 279 10.03 -20.76 1.33
C ALA A 279 10.52 -20.94 -0.11
N THR A 280 10.00 -21.98 -0.77
CA THR A 280 10.26 -22.21 -2.19
C THR A 280 8.97 -22.59 -2.90
N HIS A 281 8.88 -22.23 -4.18
CA HIS A 281 7.72 -22.60 -4.97
C HIS A 281 7.66 -24.13 -5.09
N GLU A 282 8.80 -24.80 -5.04
CA GLU A 282 8.81 -26.25 -5.11
C GLU A 282 8.05 -26.86 -3.92
N GLU A 283 8.28 -26.33 -2.71
CA GLU A 283 7.58 -26.79 -1.51
C GLU A 283 6.07 -26.52 -1.58
N VAL A 284 5.72 -25.36 -2.14
CA VAL A 284 4.33 -24.98 -2.30
C VAL A 284 3.61 -26.00 -3.21
N LEU A 285 4.23 -26.30 -4.34
CA LEU A 285 3.66 -27.27 -5.28
C LEU A 285 3.55 -28.67 -4.67
N GLU A 286 4.64 -29.13 -4.04
CA GLU A 286 4.66 -30.45 -3.42
C GLU A 286 3.56 -30.59 -2.36
N ASN A 287 3.41 -29.57 -1.51
CA ASN A 287 2.42 -29.68 -0.44
C ASN A 287 0.99 -29.49 -0.96
N SER A 288 0.83 -28.65 -1.99
CA SER A 288 -0.46 -28.54 -2.67
C SER A 288 -0.92 -29.91 -3.16
N ALA A 289 -0.02 -30.65 -3.79
CA ALA A 289 -0.36 -31.96 -4.34
C ALA A 289 -0.72 -32.97 -3.25
N LYS A 290 0.03 -32.96 -2.14
CA LYS A 290 -0.24 -33.91 -1.08
C LYS A 290 -1.61 -33.69 -0.43
N ALA A 291 -2.14 -32.47 -0.57
CA ALA A 291 -3.42 -32.13 0.07
C ALA A 291 -4.62 -32.21 -0.87
N SER A 292 -4.34 -32.38 -2.16
CA SER A 292 -5.36 -32.28 -3.19
C SER A 292 -6.53 -33.24 -3.00
N LYS A 293 -6.24 -34.49 -2.63
CA LYS A 293 -7.27 -35.50 -2.44
C LYS A 293 -8.32 -35.03 -1.43
N ASP A 294 -7.86 -34.64 -0.24
CA ASP A 294 -8.75 -34.15 0.81
C ASP A 294 -9.53 -32.90 0.44
N VAL A 295 -8.85 -31.91 -0.13
CA VAL A 295 -9.50 -30.67 -0.54
C VAL A 295 -10.57 -30.97 -1.59
N GLN A 296 -10.22 -31.84 -2.54
CA GLN A 296 -11.13 -32.22 -3.61
C GLN A 296 -12.40 -32.93 -3.11
N GLU A 297 -12.24 -33.89 -2.21
CA GLU A 297 -13.40 -34.60 -1.64
C GLU A 297 -14.28 -33.66 -0.83
N LEU A 298 -13.62 -32.79 -0.07
CA LEU A 298 -14.29 -31.79 0.74
C LEU A 298 -15.21 -30.90 -0.09
N ILE A 299 -14.68 -30.27 -1.13
CA ILE A 299 -15.49 -29.36 -1.96
C ILE A 299 -16.58 -30.10 -2.72
N PHE A 300 -16.24 -31.26 -3.27
CA PHE A 300 -17.21 -32.10 -3.96
C PHE A 300 -18.43 -32.39 -3.07
N SER A 301 -18.17 -32.65 -1.81
CA SER A 301 -19.23 -32.94 -0.84
C SER A 301 -20.06 -31.68 -0.52
N VAL A 302 -19.38 -30.55 -0.38
CA VAL A 302 -20.05 -29.29 -0.05
C VAL A 302 -21.00 -28.79 -1.13
N VAL A 303 -20.59 -28.84 -2.40
CA VAL A 303 -21.37 -28.24 -3.47
C VAL A 303 -22.76 -28.85 -3.60
N ALA A 304 -22.89 -30.10 -3.18
CA ALA A 304 -24.17 -30.79 -3.32
C ALA A 304 -25.21 -30.27 -2.34
N GLU A 305 -24.78 -29.51 -1.34
CA GLU A 305 -25.72 -28.96 -0.38
C GLU A 305 -25.69 -27.45 -0.39
N ILE A 306 -25.56 -26.91 -1.60
CA ILE A 306 -25.54 -25.47 -1.89
C ILE A 306 -24.38 -24.79 -1.18
N ASP B 5 4.27 15.58 -17.38
CA ASP B 5 3.15 15.33 -16.48
C ASP B 5 3.07 16.37 -15.37
N ILE B 6 4.18 16.73 -14.75
CA ILE B 6 4.14 17.91 -13.88
C ILE B 6 3.90 19.14 -14.76
N ASN B 7 4.38 19.10 -15.99
CA ASN B 7 4.12 20.16 -16.97
C ASN B 7 2.62 20.37 -17.20
N GLU B 8 1.92 19.25 -17.31
CA GLU B 8 0.47 19.25 -17.57
C GLU B 8 -0.31 19.73 -16.34
N GLN B 9 0.09 19.23 -15.18
CA GLN B 9 -0.54 19.63 -13.92
C GLN B 9 -0.34 21.13 -13.67
N ARG B 10 0.87 21.62 -13.92
CA ARG B 10 1.15 23.06 -13.78
C ARG B 10 0.29 23.92 -14.73
N ALA B 11 0.11 23.44 -15.95
CA ALA B 11 -0.71 24.15 -16.91
C ALA B 11 -2.15 24.24 -16.41
N LEU B 12 -2.66 23.14 -15.86
CA LEU B 12 -4.03 23.12 -15.35
C LEU B 12 -4.19 24.06 -14.16
N ILE B 13 -3.20 24.05 -13.28
CA ILE B 13 -3.22 24.89 -12.09
C ILE B 13 -3.19 26.36 -12.48
N LYS B 14 -2.31 26.70 -13.42
CA LYS B 14 -2.23 28.05 -13.93
C LYS B 14 -3.56 28.49 -14.56
N SER B 15 -4.14 27.63 -15.38
CA SER B 15 -5.35 27.97 -16.10
C SER B 15 -6.56 28.07 -15.16
N ALA B 16 -6.58 27.20 -14.14
CA ALA B 16 -7.63 27.24 -13.13
C ALA B 16 -7.54 28.55 -12.35
N HIS B 17 -6.34 28.89 -11.89
CA HIS B 17 -6.15 30.11 -11.13
C HIS B 17 -6.51 31.35 -11.94
N ARG B 18 -6.13 31.36 -13.22
CA ARG B 18 -6.45 32.50 -14.07
C ARG B 18 -7.96 32.66 -14.18
N TYR B 19 -8.65 31.56 -14.44
CA TYR B 19 -10.10 31.58 -14.59
C TYR B 19 -10.77 32.07 -13.30
N ILE B 20 -10.37 31.50 -12.16
CA ILE B 20 -10.94 31.88 -10.87
C ILE B 20 -10.64 33.35 -10.54
N SER B 21 -9.38 33.75 -10.75
CA SER B 21 -8.96 35.11 -10.45
C SER B 21 -9.76 36.14 -11.26
N GLU B 22 -9.95 35.86 -12.54
CA GLU B 22 -10.68 36.79 -13.40
C GLU B 22 -12.13 36.89 -12.99
N LYS B 23 -12.72 35.77 -12.59
CA LYS B 23 -14.10 35.77 -12.15
C LYS B 23 -14.27 36.60 -10.86
N LEU B 24 -13.35 36.43 -9.93
CA LEU B 24 -13.37 37.18 -8.68
C LEU B 24 -13.31 38.70 -8.93
N GLU B 25 -12.35 39.14 -9.76
CA GLU B 25 -12.18 40.56 -10.06
C GLU B 25 -13.39 41.20 -10.72
N ASP B 26 -14.07 40.44 -11.58
CA ASP B 26 -15.29 40.92 -12.22
C ASP B 26 -16.45 40.96 -11.24
N HIS B 27 -16.52 39.95 -10.39
CA HIS B 27 -17.67 39.77 -9.51
C HIS B 27 -17.67 40.70 -8.31
N PHE B 28 -16.57 40.76 -7.58
CA PHE B 28 -16.51 41.59 -6.38
C PHE B 28 -16.00 42.98 -6.70
N SER B 29 -16.64 44.01 -6.17
CA SER B 29 -16.24 45.40 -6.43
C SER B 29 -14.94 45.70 -5.68
N SER B 30 -14.75 45.01 -4.57
CA SER B 30 -13.51 45.06 -3.82
C SER B 30 -12.70 43.78 -4.08
N GLU B 31 -11.38 43.86 -3.92
CA GLU B 31 -10.55 42.69 -4.17
C GLU B 31 -10.91 41.61 -3.16
N PHE B 32 -11.01 40.38 -3.62
CA PHE B 32 -11.42 39.28 -2.76
C PHE B 32 -10.27 38.32 -2.47
N LEU B 33 -9.83 38.33 -1.22
CA LEU B 33 -8.69 37.53 -0.79
C LEU B 33 -9.13 36.57 0.31
N PRO B 34 -9.55 35.36 -0.08
CA PRO B 34 -10.02 34.44 0.96
C PRO B 34 -8.86 34.00 1.86
N LYS B 35 -9.12 33.91 3.16
CA LYS B 35 -8.09 33.53 4.11
C LYS B 35 -8.13 32.03 4.43
N ALA B 36 -9.26 31.41 4.17
CA ALA B 36 -9.44 29.99 4.46
C ALA B 36 -10.13 29.27 3.32
N LEU B 37 -9.71 28.05 3.07
CA LEU B 37 -10.47 27.11 2.26
C LEU B 37 -11.20 26.16 3.19
N VAL B 38 -12.52 26.06 3.04
CA VAL B 38 -13.30 25.10 3.82
C VAL B 38 -13.76 24.01 2.87
N ILE B 39 -13.23 22.80 3.05
CA ILE B 39 -13.72 21.67 2.28
C ILE B 39 -14.94 21.13 3.00
N CYS B 40 -16.11 21.38 2.42
CA CYS B 40 -17.36 21.11 3.10
C CYS B 40 -17.74 19.66 2.93
N GLY B 41 -17.08 18.80 3.68
CA GLY B 41 -17.44 17.41 3.68
C GLY B 41 -18.63 17.21 4.60
N SER B 42 -18.74 15.99 5.09
CA SER B 42 -19.81 15.59 6.00
C SER B 42 -20.03 16.59 7.13
N GLY B 43 -21.31 16.87 7.38
CA GLY B 43 -21.69 17.81 8.41
C GLY B 43 -21.72 19.24 7.91
N LEU B 44 -21.10 19.51 6.76
CA LEU B 44 -20.94 20.88 6.29
C LEU B 44 -21.70 21.21 5.00
N SER B 45 -22.47 20.26 4.48
CA SER B 45 -23.15 20.47 3.20
C SER B 45 -24.08 21.69 3.21
N GLY B 46 -24.52 22.11 4.40
CA GLY B 46 -25.40 23.26 4.51
C GLY B 46 -24.76 24.58 4.93
N ILE B 47 -23.45 24.62 5.12
CA ILE B 47 -22.82 25.80 5.68
C ILE B 47 -22.81 26.97 4.69
N SER B 48 -22.85 26.66 3.39
CA SER B 48 -22.97 27.70 2.36
C SER B 48 -24.12 28.68 2.60
N THR B 49 -25.12 28.26 3.38
CA THR B 49 -26.28 29.13 3.65
C THR B 49 -25.96 30.20 4.69
N LYS B 50 -24.83 30.03 5.36
CA LYS B 50 -24.35 31.00 6.34
C LYS B 50 -23.41 32.04 5.68
N ILE B 51 -23.15 31.89 4.39
CA ILE B 51 -22.43 32.93 3.66
C ILE B 51 -23.31 34.18 3.65
N ALA B 52 -22.70 35.35 3.89
CA ALA B 52 -23.44 36.59 3.94
C ALA B 52 -24.02 36.94 2.57
N ASP B 53 -25.19 37.55 2.56
CA ASP B 53 -25.82 37.98 1.31
C ASP B 53 -25.06 39.15 0.71
N GLU B 54 -24.40 39.94 1.55
CA GLU B 54 -23.67 41.12 1.09
C GLU B 54 -22.23 41.14 1.60
N PRO B 55 -21.25 41.21 0.68
CA PRO B 55 -21.42 41.21 -0.78
C PRO B 55 -21.96 39.89 -1.31
N LYS B 56 -22.66 39.93 -2.44
CA LYS B 56 -23.20 38.71 -3.01
C LYS B 56 -22.08 37.74 -3.29
N PRO B 57 -22.26 36.48 -2.88
CA PRO B 57 -21.21 35.49 -3.10
C PRO B 57 -21.13 35.12 -4.58
N LEU B 58 -20.02 34.50 -4.95
CA LEU B 58 -19.78 34.04 -6.30
C LEU B 58 -19.72 32.53 -6.29
N ILE B 59 -20.57 31.90 -7.08
CA ILE B 59 -20.57 30.46 -7.17
C ILE B 59 -19.96 30.03 -8.49
N LEU B 60 -18.93 29.18 -8.42
CA LEU B 60 -18.30 28.68 -9.64
C LEU B 60 -18.47 27.18 -9.74
N SER B 61 -19.21 26.74 -10.75
CA SER B 61 -19.39 25.31 -10.97
C SER B 61 -18.07 24.71 -11.45
N TYR B 62 -17.76 23.50 -10.99
CA TYR B 62 -16.50 22.83 -11.32
C TYR B 62 -16.34 22.66 -12.82
N SER B 63 -17.46 22.50 -13.50
CA SER B 63 -17.46 22.18 -14.92
C SER B 63 -16.99 23.35 -15.77
N THR B 64 -16.92 24.53 -15.18
CA THR B 64 -16.38 25.69 -15.88
C THR B 64 -14.95 26.06 -15.46
N ILE B 65 -14.45 25.43 -14.39
CA ILE B 65 -13.06 25.68 -13.96
C ILE B 65 -12.08 24.62 -14.47
N PRO B 66 -11.03 25.06 -15.20
CA PRO B 66 -9.97 24.16 -15.69
C PRO B 66 -9.42 23.20 -14.64
N GLY B 67 -9.41 21.92 -14.99
CA GLY B 67 -8.87 20.90 -14.12
C GLY B 67 -9.80 20.45 -13.00
N PHE B 68 -10.89 21.17 -12.79
CA PHE B 68 -11.86 20.71 -11.80
C PHE B 68 -12.78 19.66 -12.44
N GLY B 78 -20.43 19.65 -8.13
CA GLY B 78 -19.35 20.32 -7.43
C GLY B 78 -19.27 21.81 -7.72
N GLU B 79 -19.02 22.60 -6.69
CA GLU B 79 -19.00 24.04 -6.86
C GLU B 79 -18.07 24.71 -5.86
N LEU B 80 -17.45 25.79 -6.30
CA LEU B 80 -16.70 26.67 -5.42
C LEU B 80 -17.56 27.87 -5.07
N ILE B 81 -17.61 28.19 -3.78
CA ILE B 81 -18.38 29.33 -3.34
C ILE B 81 -17.45 30.31 -2.64
N PHE B 82 -17.36 31.52 -3.19
CA PHE B 82 -16.55 32.59 -2.61
C PHE B 82 -17.45 33.63 -1.99
N GLY B 83 -17.22 33.94 -0.72
CA GLY B 83 -18.05 34.93 -0.06
C GLY B 83 -17.55 35.18 1.34
N TYR B 84 -18.31 35.94 2.10
CA TYR B 84 -17.92 36.29 3.46
C TYR B 84 -18.68 35.43 4.46
N MET B 85 -17.94 34.80 5.36
CA MET B 85 -18.59 33.99 6.38
C MET B 85 -18.20 34.49 7.76
N ASN B 86 -19.19 34.91 8.54
CA ASN B 86 -18.96 35.50 9.85
C ASN B 86 -17.88 36.59 9.76
N GLY B 87 -18.02 37.47 8.78
CA GLY B 87 -17.08 38.56 8.57
C GLY B 87 -15.83 38.21 7.78
N ALA B 88 -15.54 36.93 7.62
CA ALA B 88 -14.27 36.52 7.02
C ALA B 88 -14.45 36.06 5.57
N PRO B 89 -13.56 36.52 4.67
CA PRO B 89 -13.55 36.02 3.29
C PRO B 89 -13.06 34.58 3.25
N VAL B 90 -13.87 33.71 2.66
CA VAL B 90 -13.56 32.30 2.57
C VAL B 90 -13.90 31.76 1.20
N VAL B 91 -13.32 30.62 0.86
CA VAL B 91 -13.80 29.85 -0.27
C VAL B 91 -14.30 28.51 0.24
N LEU B 92 -15.48 28.11 -0.22
CA LEU B 92 -16.04 26.82 0.17
C LEU B 92 -15.95 25.85 -1.00
N MET B 93 -15.40 24.67 -0.74
CA MET B 93 -15.44 23.55 -1.67
C MET B 93 -16.65 22.70 -1.33
N ASN B 94 -17.63 22.71 -2.22
CA ASN B 94 -18.80 21.87 -2.09
C ASN B 94 -18.73 20.82 -3.18
N GLY B 95 -18.17 19.67 -2.84
CA GLY B 95 -17.86 18.67 -3.84
C GLY B 95 -16.39 18.30 -3.77
N ARG B 96 -16.11 17.05 -3.47
CA ARG B 96 -14.73 16.64 -3.45
C ARG B 96 -14.57 15.42 -4.31
N LEU B 97 -13.34 15.17 -4.73
CA LEU B 97 -13.03 14.03 -5.55
C LEU B 97 -12.35 13.00 -4.68
N HIS B 98 -12.97 11.85 -4.53
CA HIS B 98 -12.40 10.79 -3.73
C HIS B 98 -11.60 9.86 -4.61
N SER B 99 -10.49 9.38 -4.08
CA SER B 99 -9.59 8.51 -4.82
C SER B 99 -10.27 7.20 -5.23
N TYR B 100 -11.20 6.71 -4.41
CA TYR B 100 -11.86 5.44 -4.75
C TYR B 100 -12.70 5.55 -6.01
N GLU B 101 -12.99 6.77 -6.45
CA GLU B 101 -13.73 6.92 -7.71
C GLU B 101 -12.82 6.71 -8.91
N GLY B 102 -11.51 6.58 -8.67
CA GLY B 102 -10.55 6.36 -9.76
C GLY B 102 -9.75 7.60 -10.14
N HIS B 103 -10.05 8.73 -9.51
CA HIS B 103 -9.28 9.94 -9.76
C HIS B 103 -7.86 9.82 -9.21
N SER B 104 -6.89 10.36 -9.92
CA SER B 104 -5.53 10.44 -9.38
C SER B 104 -5.48 11.39 -8.18
N LEU B 105 -4.49 11.22 -7.34
CA LEU B 105 -4.37 12.10 -6.19
C LEU B 105 -4.08 13.53 -6.65
N ALA B 106 -3.35 13.69 -7.75
CA ALA B 106 -3.13 15.02 -8.33
C ALA B 106 -4.46 15.73 -8.67
N GLU B 107 -5.40 14.99 -9.23
CA GLU B 107 -6.69 15.60 -9.56
C GLU B 107 -7.47 15.92 -8.27
N THR B 108 -7.34 15.06 -7.28
CA THR B 108 -8.03 15.27 -6.01
C THR B 108 -7.56 16.55 -5.30
N VAL B 109 -6.26 16.83 -5.32
CA VAL B 109 -5.72 17.98 -4.59
C VAL B 109 -5.44 19.20 -5.47
N HIS B 110 -5.72 19.05 -6.75
CA HIS B 110 -5.62 20.16 -7.71
C HIS B 110 -6.27 21.46 -7.22
N PRO B 111 -7.48 21.40 -6.61
CA PRO B 111 -8.10 22.65 -6.19
C PRO B 111 -7.31 23.40 -5.15
N ILE B 112 -6.59 22.69 -4.30
CA ILE B 112 -5.78 23.34 -3.28
C ILE B 112 -4.61 24.11 -3.91
N ARG B 113 -3.95 23.51 -4.89
CA ARG B 113 -2.87 24.18 -5.58
C ARG B 113 -3.36 25.34 -6.45
N ALA B 114 -4.50 25.17 -7.11
CA ALA B 114 -5.07 26.27 -7.89
C ALA B 114 -5.40 27.46 -6.99
N LEU B 115 -6.05 27.18 -5.85
CA LEU B 115 -6.49 28.24 -4.95
C LEU B 115 -5.30 28.84 -4.18
N HIS B 116 -4.23 28.07 -4.00
CA HIS B 116 -3.02 28.62 -3.38
C HIS B 116 -2.48 29.79 -4.20
N LEU B 117 -2.65 29.76 -5.51
CA LEU B 117 -2.12 30.84 -6.34
C LEU B 117 -2.82 32.18 -6.10
N LEU B 118 -3.96 32.19 -5.43
CA LEU B 118 -4.60 33.46 -5.07
C LEU B 118 -3.69 34.24 -4.10
N GLY B 119 -2.86 33.51 -3.37
CA GLY B 119 -1.86 34.11 -2.50
C GLY B 119 -2.39 34.66 -1.18
N SER B 120 -3.58 34.22 -0.75
CA SER B 120 -4.15 34.74 0.50
C SER B 120 -4.59 33.68 1.50
N ILE B 121 -4.90 32.49 1.01
CA ILE B 121 -5.36 31.43 1.92
C ILE B 121 -4.21 30.92 2.78
N ASN B 122 -4.40 30.85 4.09
CA ASN B 122 -3.35 30.25 4.93
C ASN B 122 -3.88 29.18 5.87
N VAL B 123 -5.13 28.79 5.67
CA VAL B 123 -5.76 27.75 6.49
C VAL B 123 -6.68 26.86 5.65
N LEU B 124 -6.55 25.56 5.82
CA LEU B 124 -7.53 24.58 5.34
C LEU B 124 -8.41 24.13 6.53
N ILE B 125 -9.71 24.29 6.39
CA ILE B 125 -10.61 23.64 7.33
C ILE B 125 -11.29 22.51 6.56
N VAL B 126 -11.18 21.30 7.08
CA VAL B 126 -11.76 20.17 6.37
C VAL B 126 -12.53 19.25 7.30
N THR B 127 -13.71 18.80 6.86
CA THR B 127 -14.47 17.79 7.58
C THR B 127 -14.65 16.55 6.75
N ASN B 128 -15.03 15.47 7.42
CA ASN B 128 -15.31 14.23 6.75
C ASN B 128 -16.05 13.31 7.69
N ALA B 129 -16.63 12.26 7.16
CA ALA B 129 -17.22 11.21 7.97
C ALA B 129 -16.13 10.17 8.25
N ALA B 130 -16.23 9.48 9.38
CA ALA B 130 -15.25 8.47 9.72
C ALA B 130 -15.90 7.40 10.56
N GLY B 131 -15.35 6.18 10.51
CA GLY B 131 -15.76 5.10 11.38
C GLY B 131 -14.97 5.17 12.67
N GLY B 132 -15.62 4.91 13.80
CA GLY B 132 -14.91 4.89 15.05
C GLY B 132 -14.10 3.62 15.18
N ILE B 133 -12.81 3.75 15.40
CA ILE B 133 -11.98 2.59 15.61
C ILE B 133 -11.65 2.48 17.11
N ASN B 134 -11.34 3.62 17.72
CA ASN B 134 -11.24 3.72 19.17
C ASN B 134 -12.53 3.17 19.81
N ALA B 135 -12.37 2.17 20.66
CA ALA B 135 -13.52 1.43 21.22
C ALA B 135 -14.44 2.31 22.07
N SER B 136 -13.93 3.45 22.55
CA SER B 136 -14.77 4.37 23.32
C SER B 136 -15.60 5.32 22.45
N PHE B 137 -15.30 5.41 21.16
CA PHE B 137 -16.05 6.33 20.30
C PHE B 137 -17.45 5.82 20.00
N LYS B 138 -18.42 6.73 19.97
CA LYS B 138 -19.80 6.40 19.60
C LYS B 138 -20.22 7.22 18.39
N ALA B 139 -21.07 6.63 17.55
CA ALA B 139 -21.68 7.37 16.44
C ALA B 139 -22.31 8.65 16.97
N GLY B 140 -22.06 9.77 16.31
CA GLY B 140 -22.58 11.04 16.76
C GLY B 140 -21.49 11.90 17.38
N ASP B 141 -20.45 11.26 17.94
CA ASP B 141 -19.29 11.99 18.43
C ASP B 141 -18.52 12.63 17.27
N LEU B 142 -17.77 13.68 17.59
CA LEU B 142 -16.83 14.29 16.65
C LEU B 142 -15.41 13.95 17.07
N MET B 143 -14.46 14.01 16.14
CA MET B 143 -13.05 13.92 16.54
C MET B 143 -12.22 15.02 15.90
N CYS B 144 -11.67 15.89 16.73
CA CYS B 144 -10.70 16.85 16.22
C CYS B 144 -9.41 16.07 15.91
N VAL B 145 -8.97 16.12 14.67
CA VAL B 145 -7.79 15.35 14.26
C VAL B 145 -6.50 16.04 14.72
N TYR B 146 -5.63 15.33 15.41
CA TYR B 146 -4.37 15.97 15.69
C TYR B 146 -3.18 15.16 15.21
N ASP B 147 -3.49 14.08 14.49
CA ASP B 147 -2.45 13.26 13.88
C ASP B 147 -3.09 12.34 12.86
N HIS B 148 -2.30 11.79 11.95
CA HIS B 148 -2.88 10.83 11.01
C HIS B 148 -1.90 9.73 10.67
N ILE B 149 -2.46 8.67 10.10
CA ILE B 149 -1.68 7.64 9.44
C ILE B 149 -2.11 7.59 7.98
N ASN B 150 -1.14 7.80 7.11
CA ASN B 150 -1.39 7.79 5.67
C ASN B 150 -0.91 6.48 5.10
N PHE B 151 -1.70 5.43 5.35
CA PHE B 151 -1.32 4.09 4.88
C PHE B 151 -1.06 4.03 3.38
N PRO B 152 -1.99 4.55 2.56
CA PRO B 152 -1.72 4.57 1.13
C PRO B 152 -0.42 5.33 0.78
N GLY B 153 -0.17 6.43 1.46
CA GLY B 153 1.03 7.23 1.17
C GLY B 153 2.29 6.46 1.49
N LEU B 154 2.29 5.66 2.56
CA LEU B 154 3.47 4.86 2.93
C LEU B 154 3.78 3.83 1.85
N CYS B 155 2.74 3.37 1.17
CA CYS B 155 2.85 2.27 0.23
C CYS B 155 2.84 2.71 -1.21
N GLY B 156 2.89 4.03 -1.47
CA GLY B 156 3.07 4.51 -2.82
C GLY B 156 1.99 5.42 -3.40
N PHE B 157 0.81 5.41 -2.79
CA PHE B 157 -0.32 6.22 -3.24
C PHE B 157 -0.30 7.54 -2.49
N HIS B 158 0.48 8.49 -3.00
CA HIS B 158 0.86 9.66 -2.22
C HIS B 158 0.68 10.90 -3.08
N PRO B 159 0.06 11.97 -2.53
CA PRO B 159 -0.21 13.13 -3.37
C PRO B 159 1.05 13.89 -3.82
N LEU B 160 2.16 13.69 -3.12
CA LEU B 160 3.40 14.37 -3.48
C LEU B 160 4.31 13.49 -4.34
N ARG B 161 3.88 12.27 -4.68
CA ARG B 161 4.64 11.44 -5.62
C ARG B 161 4.83 12.15 -6.95
N GLY B 162 6.03 12.10 -7.50
CA GLY B 162 6.32 12.79 -8.75
C GLY B 162 7.33 13.90 -8.55
N ALA B 163 7.67 14.64 -9.61
CA ALA B 163 8.56 15.79 -9.46
C ALA B 163 7.93 16.75 -8.47
N ASN B 164 8.75 17.35 -7.62
CA ASN B 164 8.26 18.23 -6.58
C ASN B 164 7.81 19.57 -7.13
N PHE B 165 6.71 20.12 -6.64
CA PHE B 165 6.35 21.50 -6.99
C PHE B 165 7.16 22.45 -6.13
N ASP B 166 8.37 22.81 -6.57
CA ASP B 166 9.26 23.68 -5.79
C ASP B 166 8.63 25.05 -5.49
N GLU B 167 7.73 25.52 -6.35
CA GLU B 167 7.09 26.82 -6.12
C GLU B 167 6.20 26.79 -4.86
N PHE B 168 5.74 25.61 -4.46
CA PHE B 168 4.83 25.52 -3.32
C PHE B 168 5.51 25.15 -2.00
N GLY B 169 6.41 24.18 -2.06
CA GLY B 169 7.04 23.70 -0.83
C GLY B 169 8.19 22.73 -1.09
N PRO B 170 8.71 22.16 0.00
CA PRO B 170 9.96 21.39 0.01
C PRO B 170 9.80 19.98 -0.57
N ARG B 171 10.89 19.42 -1.11
CA ARG B 171 10.87 18.03 -1.56
C ARG B 171 10.42 17.09 -0.46
N PHE B 172 10.99 17.27 0.71
CA PHE B 172 10.69 16.38 1.84
C PHE B 172 9.93 17.15 2.89
N LEU B 173 8.70 16.75 3.12
CA LEU B 173 7.80 17.49 4.00
C LEU B 173 7.58 16.76 5.32
N ALA B 174 7.88 17.40 6.44
CA ALA B 174 7.54 16.80 7.73
C ALA B 174 6.03 16.79 7.94
N THR B 175 5.51 15.76 8.61
CA THR B 175 4.08 15.73 8.90
C THR B 175 3.81 15.51 10.39
N SER B 176 4.86 15.53 11.20
CA SER B 176 4.73 15.44 12.65
C SER B 176 4.07 16.71 13.24
N ASP B 177 4.04 17.78 12.46
CA ASP B 177 3.42 19.02 12.90
C ASP B 177 2.22 19.40 12.03
N ALA B 178 1.49 18.43 11.51
CA ALA B 178 0.49 18.73 10.49
C ALA B 178 -0.78 19.41 11.01
N TYR B 179 -1.15 19.18 12.27
CA TYR B 179 -2.43 19.70 12.76
C TYR B 179 -2.20 20.79 13.83
N ASP B 180 -2.25 22.03 13.36
CA ASP B 180 -2.00 23.26 14.13
C ASP B 180 -2.63 23.26 15.52
N LEU B 181 -1.80 23.43 16.56
CA LEU B 181 -2.27 23.42 17.94
C LEU B 181 -3.24 24.56 18.23
N GLU B 182 -2.90 25.78 17.81
CA GLU B 182 -3.74 26.93 18.12
C GLU B 182 -5.13 26.80 17.49
N LEU B 183 -5.21 26.25 16.29
CA LEU B 183 -6.52 26.02 15.65
C LEU B 183 -7.32 24.97 16.41
N ARG B 184 -6.66 23.95 16.94
CA ARG B 184 -7.36 22.95 17.75
C ARG B 184 -7.84 23.57 19.06
N LYS B 185 -7.02 24.41 19.67
CA LYS B 185 -7.46 25.10 20.88
C LYS B 185 -8.63 26.04 20.58
N LEU B 186 -8.63 26.65 19.40
CA LEU B 186 -9.74 27.51 18.96
C LEU B 186 -11.04 26.71 18.87
N LEU B 187 -10.93 25.53 18.26
CA LEU B 187 -12.10 24.66 18.10
C LEU B 187 -12.72 24.32 19.45
N PHE B 188 -11.89 23.86 20.38
CA PHE B 188 -12.40 23.52 21.71
C PHE B 188 -12.92 24.72 22.50
N SER B 189 -12.29 25.87 22.31
CA SER B 189 -12.81 27.12 22.87
C SER B 189 -14.21 27.44 22.34
N LYS B 190 -14.41 27.24 21.04
CA LYS B 190 -15.72 27.54 20.44
C LYS B 190 -16.77 26.50 20.86
N LYS B 191 -16.37 25.23 21.01
CA LYS B 191 -17.27 24.22 21.56
C LYS B 191 -17.81 24.67 22.91
N LYS B 192 -16.90 25.17 23.75
CA LYS B 192 -17.30 25.65 25.07
C LYS B 192 -18.22 26.87 24.94
N GLU B 193 -17.78 27.86 24.16
CA GLU B 193 -18.54 29.10 23.98
C GLU B 193 -19.95 28.83 23.44
N LEU B 194 -20.05 27.85 22.55
CA LEU B 194 -21.33 27.55 21.92
C LEU B 194 -22.18 26.59 22.74
N ASN B 195 -21.65 26.16 23.89
CA ASN B 195 -22.33 25.19 24.75
C ASN B 195 -22.79 23.95 24.00
N ILE B 196 -21.90 23.40 23.18
CA ILE B 196 -22.19 22.19 22.45
C ILE B 196 -21.86 21.00 23.33
N GLU B 197 -22.86 20.18 23.62
CA GLU B 197 -22.68 19.06 24.52
C GLU B 197 -22.13 17.83 23.81
N ARG B 198 -22.27 17.80 22.49
CA ARG B 198 -21.69 16.72 21.66
C ARG B 198 -20.19 16.50 21.97
N LYS B 199 -19.80 15.25 22.18
CA LYS B 199 -18.39 14.96 22.50
C LYS B 199 -17.47 15.27 21.33
N ILE B 200 -16.34 15.92 21.62
CA ILE B 200 -15.31 16.12 20.62
C ILE B 200 -14.03 15.52 21.13
N HIS B 201 -13.68 14.38 20.54
CA HIS B 201 -12.45 13.68 20.87
C HIS B 201 -11.29 14.37 20.20
N GLU B 202 -10.08 14.03 20.63
CA GLU B 202 -8.88 14.46 19.94
C GLU B 202 -8.12 13.19 19.66
N GLY B 203 -7.80 12.92 18.39
CA GLY B 203 -7.08 11.69 18.09
C GLY B 203 -6.59 11.53 16.67
N THR B 204 -6.25 10.28 16.35
CA THR B 204 -5.57 9.96 15.09
C THR B 204 -6.52 9.42 14.05
N TYR B 205 -6.48 10.04 12.89
CA TYR B 205 -7.26 9.68 11.73
C TYR B 205 -6.43 8.82 10.82
N SER B 206 -6.97 7.69 10.38
CA SER B 206 -6.26 6.89 9.40
C SER B 206 -6.97 6.99 8.08
N TYR B 207 -6.22 7.29 7.04
CA TYR B 207 -6.78 7.34 5.70
C TYR B 207 -6.60 5.97 5.05
N VAL B 208 -7.69 5.42 4.51
CA VAL B 208 -7.62 4.20 3.72
C VAL B 208 -8.40 4.43 2.42
N HIS B 209 -8.06 3.68 1.40
CA HIS B 209 -8.56 4.00 0.07
C HIS B 209 -10.09 3.83 -0.10
N GLY B 210 -10.65 2.79 0.50
CA GLY B 210 -12.05 2.45 0.25
C GLY B 210 -12.15 1.76 -1.10
N PRO B 211 -13.38 1.56 -1.61
CA PRO B 211 -14.67 1.99 -1.08
C PRO B 211 -15.30 0.98 -0.14
N THR B 212 -14.61 -0.12 0.16
CA THR B 212 -15.18 -1.05 1.13
C THR B 212 -15.12 -0.45 2.54
N PHE B 213 -16.10 -0.77 3.35
CA PHE B 213 -15.95 -0.59 4.79
C PHE B 213 -15.03 -1.71 5.28
N GLU B 214 -14.33 -1.47 6.37
CA GLU B 214 -13.31 -2.39 6.86
C GLU B 214 -13.89 -3.69 7.36
N SER B 215 -13.17 -4.79 7.11
CA SER B 215 -13.51 -6.07 7.73
C SER B 215 -13.21 -6.00 9.22
N ARG B 216 -13.64 -7.00 9.99
CA ARG B 216 -13.33 -6.99 11.42
C ARG B 216 -11.81 -7.04 11.65
N ALA B 217 -11.14 -7.89 10.87
CA ALA B 217 -9.69 -8.02 11.01
C ALA B 217 -8.98 -6.74 10.61
N GLU B 218 -9.49 -6.06 9.59
CA GLU B 218 -8.89 -4.80 9.16
C GLU B 218 -9.01 -3.71 10.22
N SER B 219 -10.19 -3.62 10.84
CA SER B 219 -10.44 -2.68 11.94
C SER B 219 -9.57 -2.99 13.13
N ARG B 220 -9.41 -4.28 13.41
CA ARG B 220 -8.60 -4.70 14.53
C ARG B 220 -7.16 -4.29 14.26
N PHE B 221 -6.74 -4.45 13.01
CA PHE B 221 -5.40 -4.06 12.59
C PHE B 221 -5.24 -2.54 12.75
N LEU B 222 -6.22 -1.79 12.28
CA LEU B 222 -6.19 -0.33 12.38
C LEU B 222 -6.11 0.11 13.83
N ARG B 223 -6.92 -0.51 14.68
CA ARG B 223 -6.88 -0.19 16.11
C ARG B 223 -5.49 -0.41 16.73
N LEU B 224 -4.90 -1.57 16.48
CA LEU B 224 -3.60 -1.83 17.09
C LEU B 224 -2.51 -0.96 16.48
N ALA B 225 -2.72 -0.48 15.25
CA ALA B 225 -1.80 0.47 14.62
C ALA B 225 -1.82 1.88 15.25
N GLY B 226 -2.83 2.14 16.08
CA GLY B 226 -2.97 3.42 16.77
C GLY B 226 -4.06 4.31 16.17
N THR B 227 -4.94 3.73 15.35
CA THR B 227 -6.02 4.52 14.74
C THR B 227 -7.16 4.81 15.73
N ASP B 228 -7.66 6.06 15.76
CA ASP B 228 -8.85 6.35 16.53
C ASP B 228 -10.10 6.40 15.64
N ALA B 229 -9.93 6.90 14.41
CA ALA B 229 -11.03 6.97 13.44
C ALA B 229 -10.49 6.72 12.04
N VAL B 230 -11.27 6.05 11.19
CA VAL B 230 -10.82 5.70 9.84
C VAL B 230 -11.73 6.32 8.78
N GLY B 231 -11.14 6.81 7.71
CA GLY B 231 -11.97 7.37 6.66
C GLY B 231 -11.30 7.26 5.30
N MET B 232 -12.04 7.62 4.27
CA MET B 232 -11.59 7.40 2.90
C MET B 232 -11.21 8.70 2.19
N SER B 233 -10.94 9.74 2.96
CA SER B 233 -10.61 11.01 2.36
C SER B 233 -9.63 11.82 3.21
N THR B 234 -9.42 13.06 2.78
CA THR B 234 -8.92 14.16 3.63
C THR B 234 -7.40 14.21 3.82
N VAL B 235 -6.76 13.09 4.14
CA VAL B 235 -5.32 13.12 4.39
C VAL B 235 -4.52 13.60 3.17
N PRO B 236 -4.90 13.19 1.93
CA PRO B 236 -4.11 13.76 0.83
C PRO B 236 -4.24 15.29 0.71
N GLU B 237 -5.42 15.81 0.99
CA GLU B 237 -5.63 17.26 1.04
C GLU B 237 -4.80 17.94 2.13
N VAL B 238 -4.79 17.33 3.31
CA VAL B 238 -4.00 17.84 4.45
C VAL B 238 -2.53 17.94 4.08
N VAL B 239 -2.00 16.86 3.52
CA VAL B 239 -0.60 16.81 3.16
C VAL B 239 -0.31 17.87 2.10
N THR B 240 -1.24 18.06 1.16
CA THR B 240 -1.01 19.05 0.11
C THR B 240 -1.12 20.49 0.64
N ALA B 241 -2.06 20.74 1.54
CA ALA B 241 -2.18 22.06 2.16
C ALA B 241 -0.89 22.36 2.96
N ARG B 242 -0.37 21.36 3.65
CA ARG B 242 0.87 21.55 4.43
C ARG B 242 2.07 21.82 3.54
N HIS B 243 2.13 21.14 2.40
CA HIS B 243 3.19 21.35 1.44
C HIS B 243 3.14 22.79 0.94
N CYS B 244 1.94 23.32 0.81
CA CYS B 244 1.76 24.72 0.44
C CYS B 244 2.01 25.68 1.60
N GLY B 245 2.20 25.14 2.80
CA GLY B 245 2.50 25.96 3.96
C GLY B 245 1.28 26.44 4.72
N TRP B 246 0.11 25.89 4.41
CA TRP B 246 -1.09 26.29 5.12
C TRP B 246 -1.15 25.60 6.49
N ARG B 247 -1.83 26.23 7.44
CA ARG B 247 -2.27 25.56 8.66
C ARG B 247 -3.48 24.70 8.36
N VAL B 248 -3.72 23.69 9.19
CA VAL B 248 -4.82 22.78 8.94
C VAL B 248 -5.62 22.54 10.22
N LEU B 249 -6.94 22.65 10.08
CA LEU B 249 -7.89 22.19 11.09
C LEU B 249 -8.75 21.09 10.47
N ALA B 250 -8.74 19.89 11.06
CA ALA B 250 -9.52 18.79 10.51
C ALA B 250 -10.46 18.22 11.57
N LEU B 251 -11.69 17.99 11.15
CA LEU B 251 -12.72 17.56 12.08
C LEU B 251 -13.48 16.39 11.48
N SER B 252 -13.40 15.23 12.13
CA SER B 252 -14.12 14.05 11.68
C SER B 252 -15.43 13.88 12.43
N LEU B 253 -16.47 13.47 11.72
CA LEU B 253 -17.74 13.10 12.33
C LEU B 253 -17.73 11.59 12.47
N ILE B 254 -17.90 11.08 13.69
CA ILE B 254 -17.93 9.63 13.84
C ILE B 254 -19.32 9.17 13.45
N THR B 255 -19.45 8.49 12.31
CA THR B 255 -20.79 8.21 11.77
C THR B 255 -21.23 6.78 12.00
N ASN B 256 -20.32 5.95 12.51
CA ASN B 256 -20.59 4.56 12.82
C ASN B 256 -19.45 4.00 13.66
N GLU B 257 -19.73 2.96 14.44
CA GLU B 257 -18.74 2.27 15.26
C GLU B 257 -18.28 1.04 14.48
N CYS B 258 -17.00 0.99 14.13
CA CYS B 258 -16.51 -0.11 13.29
C CYS B 258 -16.70 -1.45 13.98
N VAL B 259 -17.00 -2.49 13.19
CA VAL B 259 -17.15 -3.82 13.74
C VAL B 259 -15.78 -4.48 13.85
N VAL B 260 -15.38 -4.80 15.06
CA VAL B 260 -14.00 -5.20 15.33
C VAL B 260 -13.90 -6.59 15.98
N ASP B 261 -14.92 -7.00 16.72
CA ASP B 261 -14.94 -8.34 17.34
C ASP B 261 -14.72 -9.44 16.28
N PRO B 262 -14.06 -10.55 16.65
CA PRO B 262 -13.92 -11.64 15.68
C PRO B 262 -15.29 -12.18 15.25
N PRO B 263 -15.43 -12.62 13.99
CA PRO B 263 -16.75 -13.10 13.58
C PRO B 263 -17.12 -14.42 14.23
N ALA B 264 -18.38 -14.80 14.14
CA ALA B 264 -18.84 -16.06 14.71
C ALA B 264 -18.04 -17.23 14.19
N SER B 265 -17.60 -18.09 15.10
CA SER B 265 -16.93 -19.33 14.71
C SER B 265 -17.96 -20.38 14.30
N ALA B 266 -17.61 -21.18 13.30
CA ALA B 266 -18.44 -22.32 12.91
C ALA B 266 -18.64 -23.31 14.05
N HIS B 267 -17.79 -23.20 15.08
CA HIS B 267 -17.86 -24.09 16.24
C HIS B 267 -18.69 -23.50 17.38
N ASP B 268 -19.22 -22.30 17.19
CA ASP B 268 -20.01 -21.64 18.21
C ASP B 268 -21.40 -22.25 18.34
N GLU B 269 -21.92 -22.25 19.56
CA GLU B 269 -23.23 -22.82 19.89
C GLU B 269 -24.34 -21.82 19.66
N ASN B 270 -24.14 -20.60 20.15
CA ASN B 270 -25.04 -19.47 19.91
C ASN B 270 -24.27 -18.32 19.29
N PRO B 271 -23.94 -18.44 18.00
CA PRO B 271 -23.12 -17.44 17.30
C PRO B 271 -23.85 -16.13 17.07
N VAL B 272 -23.14 -15.02 17.26
CA VAL B 272 -23.65 -13.70 16.92
C VAL B 272 -23.64 -13.54 15.41
N PRO B 273 -24.80 -13.18 14.81
CA PRO B 273 -24.90 -13.02 13.35
C PRO B 273 -23.82 -12.08 12.80
N ILE B 274 -23.07 -12.55 11.80
CA ILE B 274 -21.95 -11.76 11.25
C ILE B 274 -22.41 -10.46 10.61
N GLN B 275 -23.70 -10.37 10.29
CA GLN B 275 -24.25 -9.18 9.64
C GLN B 275 -24.69 -8.11 10.64
N GLU B 276 -24.72 -8.47 11.92
CA GLU B 276 -25.22 -7.57 12.97
C GLU B 276 -24.30 -6.35 13.16
N GLY B 277 -24.89 -5.17 13.03
CA GLY B 277 -24.17 -3.92 13.19
C GLY B 277 -23.37 -3.46 11.98
N LYS B 278 -23.47 -4.17 10.86
CA LYS B 278 -22.63 -3.87 9.69
C LYS B 278 -22.83 -2.45 9.18
N ALA B 279 -21.75 -1.86 8.70
CA ALA B 279 -21.75 -0.49 8.19
C ALA B 279 -22.56 -0.38 6.91
N THR B 280 -23.27 0.74 6.78
CA THR B 280 -24.03 1.04 5.58
C THR B 280 -23.89 2.53 5.27
N HIS B 281 -23.98 2.88 4.00
CA HIS B 281 -23.90 4.28 3.65
C HIS B 281 -25.09 5.03 4.24
N GLU B 282 -26.23 4.36 4.30
CA GLU B 282 -27.45 4.91 4.92
C GLU B 282 -27.17 5.39 6.36
N GLU B 283 -26.48 4.58 7.15
CA GLU B 283 -26.15 4.95 8.54
C GLU B 283 -25.20 6.14 8.59
N VAL B 284 -24.20 6.14 7.70
CA VAL B 284 -23.27 7.26 7.61
C VAL B 284 -23.97 8.60 7.33
N LEU B 285 -24.88 8.57 6.37
CA LEU B 285 -25.61 9.78 6.01
C LEU B 285 -26.59 10.21 7.11
N GLU B 286 -27.21 9.24 7.77
CA GLU B 286 -28.14 9.56 8.84
C GLU B 286 -27.41 10.26 9.99
N ASN B 287 -26.21 9.80 10.32
CA ASN B 287 -25.50 10.38 11.46
C ASN B 287 -24.80 11.69 11.07
N SER B 288 -24.36 11.79 9.82
CA SER B 288 -23.85 13.08 9.31
C SER B 288 -24.92 14.16 9.44
N ALA B 289 -26.15 13.80 9.07
CA ALA B 289 -27.27 14.72 9.17
C ALA B 289 -27.49 15.18 10.61
N LYS B 290 -27.45 14.24 11.55
CA LYS B 290 -27.72 14.56 12.96
C LYS B 290 -26.71 15.57 13.53
N ALA B 291 -25.43 15.37 13.20
CA ALA B 291 -24.33 16.21 13.69
C ALA B 291 -24.17 17.53 12.95
N SER B 292 -24.94 17.73 11.88
CA SER B 292 -24.66 18.82 10.95
C SER B 292 -24.85 20.20 11.57
N LYS B 293 -25.91 20.37 12.35
CA LYS B 293 -26.17 21.65 13.03
C LYS B 293 -24.95 22.07 13.89
N ASP B 294 -24.48 21.15 14.73
CA ASP B 294 -23.32 21.43 15.59
C ASP B 294 -22.04 21.71 14.80
N VAL B 295 -21.74 20.87 13.81
CA VAL B 295 -20.53 21.07 13.02
C VAL B 295 -20.55 22.42 12.28
N GLN B 296 -21.69 22.78 11.68
CA GLN B 296 -21.79 24.06 11.00
C GLN B 296 -21.65 25.23 11.96
N GLU B 297 -22.26 25.14 13.13
CA GLU B 297 -22.17 26.20 14.12
C GLU B 297 -20.72 26.36 14.60
N LEU B 298 -20.03 25.24 14.82
CA LEU B 298 -18.62 25.28 15.22
C LEU B 298 -17.74 25.95 14.16
N ILE B 299 -17.86 25.50 12.91
CA ILE B 299 -17.00 26.02 11.84
C ILE B 299 -17.29 27.48 11.57
N PHE B 300 -18.57 27.85 11.63
CA PHE B 300 -18.97 29.23 11.46
C PHE B 300 -18.31 30.15 12.48
N SER B 301 -18.26 29.73 13.74
CA SER B 301 -17.67 30.60 14.76
C SER B 301 -16.15 30.60 14.67
N VAL B 302 -15.57 29.46 14.28
CA VAL B 302 -14.12 29.34 14.16
C VAL B 302 -13.57 30.26 13.06
N VAL B 303 -14.23 30.33 11.90
CA VAL B 303 -13.67 31.11 10.78
C VAL B 303 -13.55 32.59 11.10
N ALA B 304 -14.32 33.07 12.07
CA ALA B 304 -14.25 34.46 12.47
C ALA B 304 -12.93 34.77 13.16
N GLU B 305 -12.20 33.74 13.56
CA GLU B 305 -10.98 33.98 14.31
C GLU B 305 -9.74 33.33 13.69
N ILE B 306 -9.80 32.97 12.41
CA ILE B 306 -8.64 32.35 11.76
C ILE B 306 -7.73 33.40 11.10
N ILE C 6 7.74 -6.49 -21.44
CA ILE C 6 8.94 -7.06 -20.85
C ILE C 6 10.03 -7.19 -21.91
N ASN C 7 9.62 -7.45 -23.14
CA ASN C 7 10.59 -7.68 -24.20
C ASN C 7 11.36 -6.42 -24.54
N GLU C 8 10.75 -5.27 -24.28
CA GLU C 8 11.42 -4.00 -24.54
C GLU C 8 12.32 -3.62 -23.38
N GLN C 9 11.93 -3.99 -22.16
CA GLN C 9 12.82 -3.86 -21.01
C GLN C 9 14.09 -4.68 -21.24
N ARG C 10 13.90 -5.92 -21.72
CA ARG C 10 15.00 -6.81 -22.05
C ARG C 10 15.96 -6.19 -23.07
N ALA C 11 15.41 -5.50 -24.05
CA ALA C 11 16.21 -4.87 -25.10
C ALA C 11 17.02 -3.71 -24.51
N LEU C 12 16.40 -2.97 -23.60
CA LEU C 12 17.06 -1.83 -22.98
C LEU C 12 18.25 -2.32 -22.16
N ILE C 13 18.02 -3.33 -21.33
CA ILE C 13 19.05 -3.95 -20.50
C ILE C 13 20.20 -4.50 -21.35
N LYS C 14 19.87 -5.13 -22.47
CA LYS C 14 20.88 -5.66 -23.38
C LYS C 14 21.71 -4.53 -23.98
N SER C 15 21.04 -3.52 -24.50
CA SER C 15 21.70 -2.35 -25.07
C SER C 15 22.62 -1.69 -24.04
N ALA C 16 22.15 -1.55 -22.81
CA ALA C 16 22.93 -0.93 -21.74
C ALA C 16 24.20 -1.73 -21.45
N HIS C 17 24.04 -3.04 -21.29
CA HIS C 17 25.19 -3.91 -21.09
C HIS C 17 26.17 -3.83 -22.27
N ARG C 18 25.63 -3.83 -23.48
CA ARG C 18 26.45 -3.77 -24.69
C ARG C 18 27.31 -2.51 -24.67
N TYR C 19 26.71 -1.40 -24.27
CA TYR C 19 27.39 -0.12 -24.21
C TYR C 19 28.49 -0.14 -23.15
N ILE C 20 28.15 -0.61 -21.96
CA ILE C 20 29.08 -0.63 -20.84
C ILE C 20 30.28 -1.55 -21.09
N SER C 21 30.04 -2.80 -21.50
CA SER C 21 31.13 -3.76 -21.66
C SER C 21 32.15 -3.29 -22.71
N GLU C 22 31.66 -2.66 -23.78
CA GLU C 22 32.54 -2.17 -24.83
C GLU C 22 33.42 -1.00 -24.35
N LYS C 23 32.85 -0.10 -23.55
CA LYS C 23 33.63 0.98 -22.95
C LYS C 23 34.75 0.42 -22.07
N LEU C 24 34.42 -0.57 -21.25
CA LEU C 24 35.38 -1.24 -20.37
C LEU C 24 36.58 -1.84 -21.10
N GLU C 25 36.33 -2.61 -22.16
CA GLU C 25 37.42 -3.29 -22.84
C GLU C 25 38.28 -2.31 -23.64
N ASP C 26 37.68 -1.19 -24.05
CA ASP C 26 38.40 -0.14 -24.74
C ASP C 26 39.21 0.71 -23.78
N HIS C 27 38.71 0.87 -22.57
CA HIS C 27 39.38 1.72 -21.59
C HIS C 27 40.48 0.97 -20.81
N PHE C 28 40.20 -0.25 -20.40
CA PHE C 28 41.14 -0.98 -19.57
C PHE C 28 42.06 -1.87 -20.41
N SER C 29 43.34 -1.92 -20.03
CA SER C 29 44.31 -2.75 -20.73
C SER C 29 43.98 -4.22 -20.53
N SER C 30 43.76 -4.61 -19.27
CA SER C 30 43.30 -5.94 -18.93
C SER C 30 41.80 -5.92 -18.63
N GLU C 31 41.12 -7.04 -18.84
CA GLU C 31 39.66 -7.06 -18.74
C GLU C 31 39.20 -6.63 -17.34
N PHE C 32 38.29 -5.67 -17.29
CA PHE C 32 37.79 -5.19 -16.01
C PHE C 32 36.52 -5.92 -15.61
N LEU C 33 36.63 -6.73 -14.56
CA LEU C 33 35.50 -7.50 -14.06
C LEU C 33 35.20 -7.13 -12.62
N PRO C 34 34.25 -6.22 -12.42
CA PRO C 34 33.89 -5.76 -11.08
C PRO C 34 33.24 -6.86 -10.22
N LYS C 35 33.64 -6.95 -8.96
CA LYS C 35 33.10 -7.92 -8.02
C LYS C 35 31.89 -7.36 -7.29
N ALA C 36 31.84 -6.04 -7.16
CA ALA C 36 30.79 -5.37 -6.38
C ALA C 36 30.24 -4.13 -7.04
N LEU C 37 28.94 -3.93 -6.89
CA LEU C 37 28.30 -2.66 -7.20
C LEU C 37 28.07 -1.90 -5.89
N VAL C 38 28.61 -0.70 -5.81
CA VAL C 38 28.41 0.13 -4.63
C VAL C 38 27.49 1.29 -5.00
N ILE C 39 26.27 1.23 -4.51
CA ILE C 39 25.35 2.35 -4.69
C ILE C 39 25.70 3.41 -3.67
N CYS C 40 26.35 4.48 -4.12
CA CYS C 40 26.94 5.43 -3.20
C CYS C 40 25.91 6.43 -2.69
N GLY C 41 25.08 5.96 -1.77
CA GLY C 41 24.05 6.80 -1.19
C GLY C 41 24.63 7.66 -0.08
N SER C 42 23.78 8.05 0.86
CA SER C 42 24.17 8.87 2.00
C SER C 42 25.42 8.31 2.70
N GLY C 43 26.37 9.19 3.01
CA GLY C 43 27.63 8.76 3.63
C GLY C 43 28.74 8.46 2.63
N LEU C 44 28.36 8.17 1.39
CA LEU C 44 29.31 7.70 0.40
C LEU C 44 29.54 8.67 -0.76
N SER C 45 29.26 9.95 -0.56
CA SER C 45 29.35 10.93 -1.64
C SER C 45 30.79 11.16 -2.11
N GLY C 46 31.76 10.89 -1.25
CA GLY C 46 33.16 11.13 -1.61
C GLY C 46 34.04 9.90 -1.71
N ILE C 47 33.46 8.69 -1.71
CA ILE C 47 34.27 7.48 -1.71
C ILE C 47 34.98 7.25 -3.06
N SER C 48 34.49 7.88 -4.12
CA SER C 48 35.11 7.72 -5.43
C SER C 48 36.55 8.27 -5.44
N THR C 49 36.82 9.25 -4.58
CA THR C 49 38.17 9.79 -4.44
C THR C 49 39.14 8.71 -3.92
N LYS C 50 38.59 7.68 -3.29
CA LYS C 50 39.40 6.57 -2.79
C LYS C 50 39.74 5.57 -3.88
N ILE C 51 39.12 5.71 -5.06
CA ILE C 51 39.47 4.88 -6.20
C ILE C 51 40.94 5.11 -6.57
N ALA C 52 41.66 4.03 -6.85
CA ALA C 52 43.07 4.13 -7.17
C ALA C 52 43.34 4.89 -8.46
N ASP C 53 44.49 5.55 -8.54
CA ASP C 53 44.91 6.23 -9.75
C ASP C 53 45.26 5.25 -10.87
N GLU C 54 45.90 4.14 -10.50
CA GLU C 54 46.30 3.13 -11.47
C GLU C 54 45.74 1.76 -11.08
N PRO C 55 45.11 1.06 -12.04
CA PRO C 55 44.83 1.51 -13.40
C PRO C 55 43.90 2.72 -13.40
N LYS C 56 44.00 3.57 -14.42
CA LYS C 56 43.14 4.74 -14.49
C LYS C 56 41.69 4.30 -14.44
N PRO C 57 40.89 4.93 -13.56
CA PRO C 57 39.47 4.59 -13.50
C PRO C 57 38.70 5.08 -14.73
N LEU C 58 37.52 4.52 -14.94
CA LEU C 58 36.65 4.94 -16.04
C LEU C 58 35.36 5.57 -15.50
N ILE C 59 35.00 6.73 -16.04
CA ILE C 59 33.79 7.43 -15.63
C ILE C 59 32.78 7.52 -16.76
N LEU C 60 31.65 6.85 -16.61
CA LEU C 60 30.60 6.90 -17.63
C LEU C 60 29.41 7.72 -17.15
N SER C 61 29.06 8.79 -17.87
CA SER C 61 27.88 9.58 -17.53
C SER C 61 26.63 8.75 -17.78
N TYR C 62 25.64 8.85 -16.88
CA TYR C 62 24.37 8.16 -17.07
C TYR C 62 23.75 8.51 -18.42
N SER C 63 23.90 9.78 -18.80
CA SER C 63 23.26 10.30 -20.01
C SER C 63 23.66 9.52 -21.27
N THR C 64 24.84 8.92 -21.26
CA THR C 64 25.33 8.20 -22.44
C THR C 64 25.00 6.70 -22.39
N ILE C 65 24.59 6.20 -21.22
CA ILE C 65 24.23 4.78 -21.07
C ILE C 65 22.72 4.56 -21.28
N PRO C 66 22.36 3.62 -22.18
CA PRO C 66 20.94 3.34 -22.47
C PRO C 66 20.17 2.90 -21.23
N GLY C 67 18.97 3.45 -21.03
CA GLY C 67 18.16 3.11 -19.87
C GLY C 67 18.49 3.89 -18.61
N PHE C 68 19.72 4.38 -18.48
CA PHE C 68 20.08 5.19 -17.32
C PHE C 68 19.54 6.61 -17.50
N GLY C 78 24.62 12.23 -13.01
CA GLY C 78 24.84 10.90 -12.47
C GLY C 78 25.89 10.16 -13.29
N GLU C 79 26.61 9.24 -12.65
CA GLU C 79 27.68 8.55 -13.36
C GLU C 79 28.03 7.20 -12.72
N LEU C 80 28.48 6.27 -13.57
CA LEU C 80 29.11 5.05 -13.12
C LEU C 80 30.60 5.27 -13.06
N ILE C 81 31.23 4.81 -11.99
CA ILE C 81 32.68 4.88 -11.93
C ILE C 81 33.26 3.47 -11.80
N PHE C 82 34.16 3.13 -12.71
CA PHE C 82 34.81 1.81 -12.74
C PHE C 82 36.28 1.96 -12.39
N GLY C 83 36.74 1.20 -11.42
CA GLY C 83 38.14 1.28 -11.04
C GLY C 83 38.44 0.35 -9.89
N TYR C 84 39.64 0.48 -9.35
CA TYR C 84 40.05 -0.39 -8.27
C TYR C 84 40.03 0.34 -6.94
N MET C 85 39.45 -0.30 -5.96
CA MET C 85 39.29 0.32 -4.66
C MET C 85 39.82 -0.59 -3.58
N ASN C 86 40.88 -0.15 -2.93
CA ASN C 86 41.59 -0.97 -1.96
C ASN C 86 41.93 -2.30 -2.61
N GLY C 87 42.37 -2.23 -3.86
CA GLY C 87 42.85 -3.40 -4.59
C GLY C 87 41.76 -4.16 -5.32
N ALA C 88 40.50 -3.87 -5.02
CA ALA C 88 39.40 -4.62 -5.61
C ALA C 88 38.73 -3.84 -6.74
N PRO C 89 38.38 -4.53 -7.83
CA PRO C 89 37.65 -3.94 -8.96
C PRO C 89 36.17 -3.77 -8.63
N VAL C 90 35.69 -2.53 -8.66
CA VAL C 90 34.30 -2.28 -8.32
C VAL C 90 33.63 -1.37 -9.32
N VAL C 91 32.30 -1.29 -9.26
CA VAL C 91 31.57 -0.28 -9.98
C VAL C 91 30.80 0.56 -8.96
N LEU C 92 30.91 1.87 -9.10
CA LEU C 92 30.24 2.80 -8.21
C LEU C 92 29.08 3.49 -8.94
N MET C 93 27.93 3.54 -8.30
CA MET C 93 26.82 4.36 -8.79
C MET C 93 26.80 5.65 -8.00
N ASN C 94 27.11 6.76 -8.67
CA ASN C 94 26.87 8.07 -8.10
C ASN C 94 25.66 8.67 -8.78
N GLY C 95 24.52 8.56 -8.12
CA GLY C 95 23.24 8.98 -8.66
C GLY C 95 22.26 7.82 -8.58
N ARG C 96 21.12 8.05 -7.97
CA ARG C 96 20.13 6.98 -7.89
C ARG C 96 18.74 7.55 -8.14
N LEU C 97 17.85 6.70 -8.64
CA LEU C 97 16.49 7.12 -8.92
C LEU C 97 15.56 6.67 -7.80
N HIS C 98 14.91 7.62 -7.14
CA HIS C 98 14.03 7.31 -6.04
C HIS C 98 12.60 7.21 -6.50
N SER C 99 11.88 6.24 -5.97
CA SER C 99 10.53 5.99 -6.41
C SER C 99 9.58 7.19 -6.20
N TYR C 100 9.84 8.00 -5.16
CA TYR C 100 8.97 9.17 -4.90
C TYR C 100 9.10 10.25 -5.97
N GLU C 101 10.11 10.14 -6.83
CA GLU C 101 10.27 11.09 -7.93
C GLU C 101 9.32 10.76 -9.08
N GLY C 102 8.67 9.61 -9.00
CA GLY C 102 7.69 9.25 -10.00
C GLY C 102 8.17 8.19 -10.96
N HIS C 103 9.45 7.82 -10.86
CA HIS C 103 9.99 6.78 -11.72
C HIS C 103 9.36 5.45 -11.38
N SER C 104 9.19 4.60 -12.40
CA SER C 104 8.78 3.23 -12.17
C SER C 104 9.92 2.46 -11.51
N LEU C 105 9.58 1.39 -10.80
CA LEU C 105 10.59 0.62 -10.11
C LEU C 105 11.52 -0.08 -11.10
N ALA C 106 11.03 -0.39 -12.30
CA ALA C 106 11.90 -0.93 -13.34
C ALA C 106 13.00 0.08 -13.71
N GLU C 107 12.67 1.35 -13.76
CA GLU C 107 13.66 2.36 -14.08
C GLU C 107 14.68 2.46 -12.95
N THR C 108 14.20 2.36 -11.72
CA THR C 108 15.04 2.46 -10.53
C THR C 108 16.10 1.35 -10.49
N VAL C 109 15.72 0.14 -10.89
CA VAL C 109 16.60 -1.01 -10.70
C VAL C 109 17.25 -1.49 -12.01
N HIS C 110 16.95 -0.79 -13.11
CA HIS C 110 17.59 -1.05 -14.41
C HIS C 110 19.11 -1.18 -14.33
N PRO C 111 19.79 -0.28 -13.57
CA PRO C 111 21.25 -0.44 -13.50
C PRO C 111 21.71 -1.78 -12.95
N ILE C 112 20.99 -2.32 -11.96
CA ILE C 112 21.38 -3.60 -11.39
C ILE C 112 21.29 -4.68 -12.45
N ARG C 113 20.19 -4.69 -13.20
CA ARG C 113 20.00 -5.74 -14.21
C ARG C 113 21.02 -5.60 -15.34
N ALA C 114 21.26 -4.38 -15.81
CA ALA C 114 22.26 -4.13 -16.84
C ALA C 114 23.63 -4.60 -16.39
N LEU C 115 24.00 -4.26 -15.17
CA LEU C 115 25.33 -4.56 -14.67
C LEU C 115 25.51 -6.05 -14.39
N HIS C 116 24.40 -6.71 -14.08
CA HIS C 116 24.40 -8.15 -13.84
C HIS C 116 24.95 -8.90 -15.05
N LEU C 117 24.74 -8.34 -16.24
CA LEU C 117 25.11 -9.01 -17.47
C LEU C 117 26.63 -9.02 -17.74
N LEU C 118 27.37 -8.22 -16.98
CA LEU C 118 28.82 -8.29 -17.05
C LEU C 118 29.30 -9.67 -16.61
N GLY C 119 28.58 -10.26 -15.65
CA GLY C 119 28.84 -11.60 -15.18
C GLY C 119 29.83 -11.73 -14.04
N SER C 120 30.26 -10.62 -13.45
CA SER C 120 31.31 -10.69 -12.44
C SER C 120 30.84 -10.20 -11.07
N ILE C 121 29.86 -9.30 -11.06
CA ILE C 121 29.34 -8.75 -9.83
C ILE C 121 28.59 -9.80 -9.03
N ASN C 122 28.94 -9.94 -7.76
CA ASN C 122 28.30 -10.91 -6.87
C ASN C 122 27.86 -10.25 -5.56
N VAL C 123 28.11 -8.96 -5.42
CA VAL C 123 27.80 -8.26 -4.18
C VAL C 123 27.26 -6.86 -4.45
N LEU C 124 26.14 -6.54 -3.81
CA LEU C 124 25.65 -5.16 -3.78
C LEU C 124 25.98 -4.57 -2.42
N ILE C 125 26.61 -3.41 -2.43
CA ILE C 125 26.80 -2.64 -1.21
C ILE C 125 26.03 -1.33 -1.36
N VAL C 126 25.11 -1.05 -0.44
CA VAL C 126 24.24 0.10 -0.61
C VAL C 126 24.07 0.82 0.74
N THR C 127 24.14 2.14 0.70
CA THR C 127 23.87 2.94 1.90
C THR C 127 22.71 3.90 1.65
N ASN C 128 22.11 4.38 2.73
CA ASN C 128 21.06 5.37 2.65
C ASN C 128 20.90 6.06 3.99
N ALA C 129 20.15 7.14 3.99
CA ALA C 129 19.81 7.80 5.23
C ALA C 129 18.53 7.18 5.75
N ALA C 130 18.32 7.21 7.06
CA ALA C 130 17.11 6.64 7.64
C ALA C 130 16.77 7.34 8.95
N GLY C 131 15.48 7.42 9.24
CA GLY C 131 15.03 7.87 10.55
C GLY C 131 15.09 6.72 11.54
N GLY C 132 15.55 7.01 12.75
CA GLY C 132 15.58 6.01 13.82
C GLY C 132 14.21 5.84 14.45
N ILE C 133 13.73 4.60 14.43
CA ILE C 133 12.44 4.26 14.99
C ILE C 133 12.65 3.56 16.35
N ASN C 134 13.66 2.69 16.39
CA ASN C 134 14.11 2.07 17.63
C ASN C 134 14.46 3.15 18.68
N ALA C 135 13.82 3.09 19.85
CA ALA C 135 13.98 4.15 20.88
C ALA C 135 15.42 4.30 21.41
N SER C 136 16.25 3.30 21.16
CA SER C 136 17.65 3.36 21.59
C SER C 136 18.56 4.07 20.60
N PHE C 137 18.08 4.31 19.39
CA PHE C 137 18.94 4.90 18.35
C PHE C 137 19.08 6.42 18.53
N LYS C 138 20.25 6.94 18.17
CA LYS C 138 20.53 8.37 18.17
C LYS C 138 21.02 8.79 16.78
N ALA C 139 20.70 10.01 16.38
CA ALA C 139 21.25 10.56 15.15
C ALA C 139 22.77 10.43 15.18
N GLY C 140 23.34 10.02 14.06
CA GLY C 140 24.77 9.77 14.00
C GLY C 140 25.10 8.29 14.11
N ASP C 141 24.22 7.50 14.73
CA ASP C 141 24.42 6.06 14.76
C ASP C 141 24.25 5.51 13.33
N LEU C 142 24.80 4.32 13.10
CA LEU C 142 24.57 3.57 11.87
C LEU C 142 23.79 2.32 12.19
N MET C 143 23.11 1.76 11.20
CA MET C 143 22.45 0.47 11.41
C MET C 143 22.74 -0.47 10.26
N CYS C 144 23.44 -1.56 10.56
CA CYS C 144 23.63 -2.61 9.58
C CYS C 144 22.30 -3.35 9.39
N VAL C 145 21.78 -3.37 8.17
CA VAL C 145 20.46 -3.96 7.92
C VAL C 145 20.53 -5.49 7.87
N TYR C 146 19.73 -6.18 8.71
CA TYR C 146 19.71 -7.65 8.63
C TYR C 146 18.33 -8.14 8.17
N ASP C 147 17.39 -7.23 7.96
CA ASP C 147 16.03 -7.59 7.55
C ASP C 147 15.28 -6.35 7.10
N HIS C 148 14.22 -6.52 6.33
CA HIS C 148 13.42 -5.36 5.94
C HIS C 148 11.93 -5.64 5.88
N ILE C 149 11.16 -4.56 5.90
CA ILE C 149 9.75 -4.67 5.53
C ILE C 149 9.55 -3.84 4.26
N ASN C 150 9.07 -4.47 3.20
CA ASN C 150 8.82 -3.78 1.96
C ASN C 150 7.35 -3.33 1.89
N PHE C 151 7.02 -2.21 2.51
CA PHE C 151 5.62 -1.82 2.60
C PHE C 151 4.98 -1.60 1.22
N PRO C 152 5.62 -0.81 0.34
CA PRO C 152 4.99 -0.65 -0.96
C PRO C 152 4.88 -1.99 -1.71
N GLY C 153 5.83 -2.87 -1.47
CA GLY C 153 5.86 -4.18 -2.09
C GLY C 153 4.65 -5.03 -1.73
N LEU C 154 4.25 -4.98 -0.47
CA LEU C 154 3.11 -5.76 -0.02
C LEU C 154 1.83 -5.32 -0.74
N CYS C 155 1.79 -4.07 -1.19
CA CYS C 155 0.55 -3.51 -1.71
C CYS C 155 0.53 -3.33 -3.21
N GLY C 156 1.57 -3.78 -3.91
CA GLY C 156 1.54 -3.75 -5.37
C GLY C 156 2.66 -2.97 -6.02
N PHE C 157 3.32 -2.15 -5.23
CA PHE C 157 4.42 -1.35 -5.75
C PHE C 157 5.72 -2.12 -5.58
N HIS C 158 5.96 -3.04 -6.50
CA HIS C 158 6.96 -4.10 -6.33
C HIS C 158 7.85 -4.18 -7.57
N PRO C 159 9.19 -4.20 -7.39
CA PRO C 159 10.07 -4.20 -8.56
C PRO C 159 9.95 -5.48 -9.39
N LEU C 160 9.34 -6.52 -8.83
CA LEU C 160 9.21 -7.79 -9.56
C LEU C 160 7.81 -7.96 -10.14
N ARG C 161 6.94 -6.98 -9.92
CA ARG C 161 5.59 -7.06 -10.50
C ARG C 161 5.70 -7.13 -12.04
N GLY C 162 4.89 -7.98 -12.67
CA GLY C 162 4.94 -8.16 -14.10
C GLY C 162 5.52 -9.51 -14.49
N ALA C 163 5.73 -9.74 -15.77
CA ALA C 163 6.32 -11.00 -16.23
C ALA C 163 7.69 -11.17 -15.59
N ASN C 164 7.97 -12.39 -15.13
CA ASN C 164 9.26 -12.67 -14.52
C ASN C 164 10.40 -12.68 -15.56
N PHE C 165 11.52 -12.06 -15.21
CA PHE C 165 12.77 -12.23 -15.97
C PHE C 165 13.39 -13.59 -15.65
N ASP C 166 12.96 -14.63 -16.36
CA ASP C 166 13.35 -16.00 -16.02
C ASP C 166 14.86 -16.26 -16.14
N GLU C 167 15.53 -15.51 -17.01
CA GLU C 167 16.97 -15.67 -17.23
C GLU C 167 17.78 -15.05 -16.08
N PHE C 168 17.09 -14.36 -15.17
CA PHE C 168 17.71 -13.70 -14.03
C PHE C 168 17.48 -14.43 -12.71
N GLY C 169 16.23 -14.82 -12.48
CA GLY C 169 15.84 -15.39 -11.19
C GLY C 169 14.47 -16.03 -11.25
N PRO C 170 13.96 -16.49 -10.10
CA PRO C 170 12.71 -17.26 -9.98
C PRO C 170 11.46 -16.39 -9.97
N ARG C 171 10.31 -16.97 -10.30
CA ARG C 171 9.07 -16.20 -10.23
C ARG C 171 8.80 -15.77 -8.78
N PHE C 172 8.96 -16.73 -7.88
CA PHE C 172 8.70 -16.49 -6.48
C PHE C 172 10.03 -16.42 -5.74
N LEU C 173 10.37 -15.24 -5.26
CA LEU C 173 11.66 -15.02 -4.63
C LEU C 173 11.53 -14.98 -3.11
N ALA C 174 12.27 -15.83 -2.41
CA ALA C 174 12.28 -15.74 -0.96
C ALA C 174 13.07 -14.50 -0.53
N THR C 175 12.61 -13.82 0.51
CA THR C 175 13.36 -12.68 1.04
C THR C 175 13.75 -12.83 2.52
N SER C 176 13.52 -13.99 3.10
CA SER C 176 13.94 -14.21 4.48
C SER C 176 15.47 -14.36 4.64
N ASP C 177 16.20 -14.41 3.52
CA ASP C 177 17.65 -14.55 3.54
C ASP C 177 18.32 -13.44 2.74
N ALA C 178 17.76 -12.25 2.79
CA ALA C 178 18.19 -11.18 1.91
C ALA C 178 19.56 -10.58 2.27
N TYR C 179 19.89 -10.53 3.56
CA TYR C 179 21.08 -9.78 3.98
C TYR C 179 22.16 -10.71 4.51
N ASP C 180 23.06 -11.06 3.60
CA ASP C 180 24.19 -11.99 3.82
C ASP C 180 24.85 -11.81 5.18
N LEU C 181 24.88 -12.89 5.96
CA LEU C 181 25.42 -12.86 7.32
C LEU C 181 26.92 -12.63 7.34
N GLU C 182 27.61 -13.25 6.38
CA GLU C 182 29.07 -13.15 6.30
C GLU C 182 29.51 -11.70 6.02
N LEU C 183 28.79 -11.03 5.13
CA LEU C 183 29.09 -9.63 4.83
C LEU C 183 28.85 -8.76 6.07
N ARG C 184 27.82 -9.08 6.84
CA ARG C 184 27.56 -8.31 8.06
C ARG C 184 28.67 -8.56 9.08
N LYS C 185 29.14 -9.80 9.19
CA LYS C 185 30.26 -10.10 10.07
C LYS C 185 31.54 -9.40 9.59
N LEU C 186 31.74 -9.37 8.29
CA LEU C 186 32.87 -8.63 7.71
C LEU C 186 32.82 -7.15 8.11
N LEU C 187 31.63 -6.56 8.03
CA LEU C 187 31.48 -5.15 8.37
C LEU C 187 31.85 -4.88 9.83
N PHE C 188 31.40 -5.72 10.75
CA PHE C 188 31.70 -5.50 12.16
C PHE C 188 33.15 -5.81 12.51
N SER C 189 33.76 -6.71 11.76
CA SER C 189 35.18 -6.97 11.98
C SER C 189 36.01 -5.76 11.56
N LYS C 190 35.56 -5.04 10.52
CA LYS C 190 36.30 -3.87 10.04
C LYS C 190 36.08 -2.65 10.93
N LYS C 191 34.89 -2.51 11.48
CA LYS C 191 34.65 -1.51 12.51
C LYS C 191 35.66 -1.68 13.64
N LYS C 192 35.78 -2.92 14.14
CA LYS C 192 36.73 -3.20 15.22
C LYS C 192 38.18 -2.98 14.77
N GLU C 193 38.52 -3.49 13.59
CA GLU C 193 39.86 -3.32 13.03
C GLU C 193 40.27 -1.85 12.89
N LEU C 194 39.34 -1.00 12.45
CA LEU C 194 39.62 0.42 12.26
C LEU C 194 39.44 1.20 13.56
N ASN C 195 38.98 0.50 14.60
CA ASN C 195 38.65 1.12 15.88
C ASN C 195 37.72 2.32 15.73
N ILE C 196 36.74 2.18 14.84
CA ILE C 196 35.71 3.19 14.67
C ILE C 196 34.73 3.11 15.84
N GLU C 197 34.57 4.23 16.53
CA GLU C 197 33.78 4.27 17.76
C GLU C 197 32.28 4.46 17.50
N ARG C 198 31.93 4.91 16.29
CA ARG C 198 30.53 5.17 15.95
C ARG C 198 29.69 3.91 16.10
N LYS C 199 28.53 4.02 16.75
CA LYS C 199 27.67 2.87 17.01
C LYS C 199 27.13 2.28 15.73
N ILE C 200 27.23 0.96 15.60
CA ILE C 200 26.59 0.29 14.48
C ILE C 200 25.61 -0.75 14.99
N HIS C 201 24.34 -0.42 14.89
CA HIS C 201 23.30 -1.33 15.31
C HIS C 201 23.10 -2.37 14.24
N GLU C 202 22.33 -3.38 14.58
CA GLU C 202 21.86 -4.36 13.64
C GLU C 202 20.34 -4.38 13.76
N GLY C 203 19.62 -4.16 12.68
CA GLY C 203 18.17 -4.20 12.80
C GLY C 203 17.38 -4.17 11.51
N THR C 204 16.07 -4.00 11.66
CA THR C 204 15.12 -4.07 10.56
C THR C 204 14.88 -2.71 9.93
N TYR C 205 15.06 -2.65 8.62
CA TYR C 205 14.84 -1.42 7.85
C TYR C 205 13.48 -1.47 7.19
N SER C 206 12.64 -0.46 7.41
CA SER C 206 11.36 -0.38 6.71
C SER C 206 11.44 0.61 5.56
N TYR C 207 11.05 0.15 4.39
CA TYR C 207 11.00 0.98 3.21
C TYR C 207 9.59 1.54 3.09
N VAL C 208 9.49 2.87 3.06
CA VAL C 208 8.21 3.53 2.81
C VAL C 208 8.42 4.48 1.64
N HIS C 209 7.34 4.82 0.96
CA HIS C 209 7.47 5.50 -0.32
C HIS C 209 8.01 6.93 -0.20
N GLY C 210 7.60 7.64 0.85
CA GLY C 210 7.91 9.05 0.96
C GLY C 210 7.03 9.84 0.00
N PRO C 211 7.38 11.12 -0.25
CA PRO C 211 8.54 11.88 0.24
C PRO C 211 8.30 12.62 1.56
N THR C 212 7.13 12.45 2.16
CA THR C 212 6.92 12.99 3.49
C THR C 212 7.78 12.27 4.53
N PHE C 213 8.22 13.00 5.55
CA PHE C 213 8.70 12.33 6.74
C PHE C 213 7.48 11.84 7.51
N GLU C 214 7.66 10.80 8.32
CA GLU C 214 6.54 10.15 9.01
C GLU C 214 5.88 11.02 10.06
N SER C 215 4.56 10.91 10.15
CA SER C 215 3.86 11.53 11.26
C SER C 215 4.24 10.80 12.56
N ARG C 216 3.87 11.36 13.71
CA ARG C 216 4.08 10.66 14.98
C ARG C 216 3.36 9.31 15.00
N ALA C 217 2.09 9.30 14.63
CA ALA C 217 1.33 8.05 14.60
C ALA C 217 1.93 7.04 13.61
N GLU C 218 2.43 7.52 12.47
CA GLU C 218 3.08 6.63 11.51
C GLU C 218 4.35 6.00 12.11
N SER C 219 5.15 6.79 12.81
CA SER C 219 6.35 6.28 13.43
C SER C 219 6.01 5.30 14.55
N ARG C 220 4.94 5.58 15.28
CA ARG C 220 4.53 4.65 16.33
C ARG C 220 4.07 3.35 15.70
N PHE C 221 3.32 3.45 14.60
CA PHE C 221 2.90 2.26 13.86
C PHE C 221 4.12 1.47 13.38
N LEU C 222 5.09 2.15 12.78
CA LEU C 222 6.30 1.47 12.29
C LEU C 222 7.05 0.78 13.42
N ARG C 223 7.19 1.43 14.58
CA ARG C 223 7.81 0.79 15.73
C ARG C 223 7.05 -0.46 16.18
N LEU C 224 5.73 -0.37 16.22
CA LEU C 224 4.88 -1.51 16.59
C LEU C 224 5.07 -2.65 15.61
N ALA C 225 5.28 -2.31 14.34
CA ALA C 225 5.41 -3.28 13.26
C ALA C 225 6.76 -4.00 13.27
N GLY C 226 7.69 -3.53 14.11
CA GLY C 226 9.01 -4.16 14.24
C GLY C 226 10.12 -3.41 13.50
N THR C 227 9.86 -2.15 13.13
CA THR C 227 10.85 -1.33 12.42
C THR C 227 11.92 -0.82 13.36
N ASP C 228 13.19 -0.89 12.96
CA ASP C 228 14.24 -0.23 13.73
C ASP C 228 14.63 1.10 13.09
N ALA C 229 14.54 1.14 11.77
CA ALA C 229 14.86 2.36 11.04
C ALA C 229 14.02 2.46 9.78
N VAL C 230 13.62 3.67 9.42
CA VAL C 230 12.74 3.85 8.27
C VAL C 230 13.40 4.72 7.20
N GLY C 231 13.28 4.33 5.94
CA GLY C 231 13.79 5.18 4.87
C GLY C 231 13.00 5.06 3.58
N MET C 232 13.38 5.85 2.57
CA MET C 232 12.60 6.00 1.34
C MET C 232 13.25 5.35 0.15
N SER C 233 14.21 4.47 0.37
CA SER C 233 14.89 3.83 -0.76
C SER C 233 15.43 2.45 -0.42
N THR C 234 16.19 1.91 -1.36
CA THR C 234 17.13 0.79 -1.17
C THR C 234 16.47 -0.60 -1.28
N VAL C 235 15.33 -0.82 -0.63
CA VAL C 235 14.73 -2.16 -0.65
C VAL C 235 14.40 -2.69 -2.06
N PRO C 236 13.87 -1.83 -2.97
CA PRO C 236 13.70 -2.32 -4.35
C PRO C 236 15.00 -2.80 -5.01
N GLU C 237 16.09 -2.08 -4.80
CA GLU C 237 17.40 -2.52 -5.30
C GLU C 237 17.85 -3.80 -4.62
N VAL C 238 17.63 -3.90 -3.32
CA VAL C 238 17.99 -5.13 -2.62
C VAL C 238 17.21 -6.30 -3.21
N VAL C 239 15.91 -6.12 -3.41
CA VAL C 239 15.08 -7.23 -3.89
C VAL C 239 15.50 -7.65 -5.29
N THR C 240 15.85 -6.67 -6.11
CA THR C 240 16.25 -6.95 -7.47
C THR C 240 17.62 -7.61 -7.48
N ALA C 241 18.54 -7.16 -6.64
CA ALA C 241 19.86 -7.79 -6.59
C ALA C 241 19.71 -9.24 -6.13
N ARG C 242 18.85 -9.46 -5.15
CA ARG C 242 18.61 -10.81 -4.65
C ARG C 242 17.99 -11.69 -5.74
N HIS C 243 17.11 -11.11 -6.55
CA HIS C 243 16.51 -11.83 -7.66
C HIS C 243 17.58 -12.29 -8.65
N CYS C 244 18.62 -11.48 -8.81
CA CYS C 244 19.74 -11.83 -9.70
C CYS C 244 20.73 -12.80 -9.08
N GLY C 245 20.61 -13.03 -7.78
CA GLY C 245 21.47 -13.98 -7.10
C GLY C 245 22.64 -13.34 -6.37
N TRP C 246 22.62 -12.01 -6.26
CA TRP C 246 23.71 -11.29 -5.58
C TRP C 246 23.58 -11.37 -4.06
N ARG C 247 24.72 -11.27 -3.38
CA ARG C 247 24.77 -11.06 -1.94
C ARG C 247 24.63 -9.56 -1.67
N VAL C 248 24.04 -9.19 -0.54
CA VAL C 248 23.74 -7.80 -0.24
C VAL C 248 24.26 -7.35 1.13
N LEU C 249 24.94 -6.20 1.14
CA LEU C 249 25.28 -5.52 2.38
C LEU C 249 24.61 -4.14 2.34
N ALA C 250 23.78 -3.86 3.34
CA ALA C 250 23.06 -2.59 3.37
C ALA C 250 23.34 -1.88 4.69
N LEU C 251 23.68 -0.60 4.61
CA LEU C 251 24.07 0.16 5.79
C LEU C 251 23.29 1.48 5.84
N SER C 252 22.51 1.66 6.89
CA SER C 252 21.73 2.87 7.07
C SER C 252 22.42 3.85 8.00
N LEU C 253 22.38 5.12 7.63
CA LEU C 253 22.83 6.19 8.50
C LEU C 253 21.61 6.73 9.24
N ILE C 254 21.63 6.68 10.57
CA ILE C 254 20.53 7.27 11.33
C ILE C 254 20.74 8.78 11.32
N THR C 255 19.97 9.50 10.52
CA THR C 255 20.21 10.93 10.34
C THR C 255 19.33 11.78 11.24
N ASN C 256 18.34 11.14 11.84
CA ASN C 256 17.40 11.84 12.71
C ASN C 256 16.62 10.83 13.55
N GLU C 257 16.13 11.27 14.70
CA GLU C 257 15.31 10.43 15.56
C GLU C 257 13.85 10.76 15.31
N CYS C 258 13.08 9.75 14.93
CA CYS C 258 11.70 9.99 14.52
C CYS C 258 10.88 10.44 15.72
N VAL C 259 10.00 11.40 15.49
CA VAL C 259 9.13 11.89 16.54
C VAL C 259 7.98 10.88 16.75
N VAL C 260 7.84 10.37 17.96
CA VAL C 260 6.82 9.35 18.24
C VAL C 260 5.79 9.75 19.29
N ASP C 261 6.13 10.69 20.18
CA ASP C 261 5.17 11.13 21.20
C ASP C 261 3.93 11.70 20.51
N PRO C 262 2.73 11.46 21.08
CA PRO C 262 1.55 12.17 20.59
C PRO C 262 1.82 13.66 20.55
N PRO C 263 1.17 14.39 19.64
CA PRO C 263 1.35 15.83 19.61
C PRO C 263 0.69 16.47 20.82
N ALA C 264 1.02 17.73 21.10
CA ALA C 264 0.40 18.49 22.18
C ALA C 264 -1.12 18.45 22.07
N SER C 265 -1.78 18.17 23.19
CA SER C 265 -3.23 18.22 23.23
C SER C 265 -3.71 19.65 23.37
N ALA C 266 -4.83 19.96 22.74
CA ALA C 266 -5.44 21.26 22.89
C ALA C 266 -5.80 21.52 24.35
N HIS C 267 -5.85 20.47 25.16
CA HIS C 267 -6.21 20.60 26.57
C HIS C 267 -4.99 20.76 27.50
N ASP C 268 -3.79 20.56 26.97
CA ASP C 268 -2.58 20.65 27.80
C ASP C 268 -2.32 22.07 28.28
N GLU C 269 -2.00 22.20 29.58
CA GLU C 269 -1.67 23.49 30.16
C GLU C 269 -0.37 24.06 29.57
N ASN C 270 0.69 23.26 29.64
CA ASN C 270 1.97 23.64 29.05
C ASN C 270 2.42 22.63 28.00
N PRO C 271 1.91 22.78 26.77
CA PRO C 271 2.16 21.85 25.67
C PRO C 271 3.57 21.97 25.12
N VAL C 272 4.14 20.83 24.73
CA VAL C 272 5.33 20.80 23.88
C VAL C 272 4.92 21.25 22.48
N PRO C 273 5.65 22.22 21.90
CA PRO C 273 5.31 22.69 20.55
C PRO C 273 5.32 21.51 19.55
N ILE C 274 4.33 21.46 18.64
CA ILE C 274 4.24 20.33 17.73
C ILE C 274 5.38 20.30 16.71
N GLN C 275 6.01 21.46 16.49
CA GLN C 275 7.10 21.56 15.52
C GLN C 275 8.42 21.09 16.13
N GLU C 276 8.45 20.95 17.45
CA GLU C 276 9.70 20.61 18.16
C GLU C 276 10.27 19.27 17.70
N GLY C 277 11.54 19.29 17.31
CA GLY C 277 12.22 18.09 16.87
C GLY C 277 11.80 17.56 15.51
N LYS C 278 11.14 18.38 14.69
CA LYS C 278 10.63 17.85 13.43
C LYS C 278 11.74 17.64 12.42
N ALA C 279 11.61 16.59 11.64
CA ALA C 279 12.61 16.22 10.64
C ALA C 279 12.72 17.28 9.54
N THR C 280 13.93 17.50 9.05
CA THR C 280 14.20 18.38 7.92
C THR C 280 15.25 17.78 7.00
N HIS C 281 15.18 18.11 5.73
CA HIS C 281 16.19 17.63 4.81
C HIS C 281 17.57 18.19 5.20
N GLU C 282 17.59 19.43 5.71
CA GLU C 282 18.84 20.04 6.18
C GLU C 282 19.52 19.18 7.25
N GLU C 283 18.75 18.67 8.20
CA GLU C 283 19.29 17.81 9.24
C GLU C 283 19.84 16.51 8.65
N VAL C 284 19.07 15.90 7.75
CA VAL C 284 19.49 14.68 7.05
C VAL C 284 20.82 14.90 6.35
N LEU C 285 20.94 16.02 5.65
CA LEU C 285 22.16 16.33 4.93
C LEU C 285 23.32 16.55 5.89
N GLU C 286 23.08 17.28 6.98
CA GLU C 286 24.15 17.59 7.90
C GLU C 286 24.68 16.33 8.60
N ASN C 287 23.80 15.42 9.02
CA ASN C 287 24.27 14.21 9.69
C ASN C 287 24.86 13.18 8.70
N SER C 288 24.36 13.17 7.46
CA SER C 288 24.99 12.37 6.41
C SER C 288 26.46 12.78 6.23
N ALA C 289 26.71 14.09 6.23
CA ALA C 289 28.08 14.57 6.03
C ALA C 289 28.97 14.24 7.23
N LYS C 290 28.43 14.37 8.44
CA LYS C 290 29.17 14.04 9.64
C LYS C 290 29.63 12.56 9.65
N ALA C 291 28.74 11.65 9.22
CA ALA C 291 29.04 10.21 9.25
C ALA C 291 29.87 9.73 8.05
N SER C 292 30.09 10.63 7.11
CA SER C 292 30.67 10.30 5.82
C SER C 292 32.06 9.68 5.89
N LYS C 293 32.94 10.24 6.72
CA LYS C 293 34.30 9.69 6.79
C LYS C 293 34.27 8.26 7.32
N ASP C 294 33.49 8.00 8.37
CA ASP C 294 33.44 6.66 8.93
C ASP C 294 32.84 5.67 7.95
N VAL C 295 31.73 6.05 7.33
CA VAL C 295 31.05 5.19 6.36
C VAL C 295 31.98 4.87 5.19
N GLN C 296 32.67 5.88 4.65
CA GLN C 296 33.55 5.63 3.50
C GLN C 296 34.73 4.75 3.87
N GLU C 297 35.29 4.95 5.05
CA GLU C 297 36.41 4.11 5.48
C GLU C 297 35.98 2.68 5.81
N LEU C 298 34.78 2.51 6.33
CA LEU C 298 34.23 1.17 6.55
C LEU C 298 34.08 0.42 5.22
N ILE C 299 33.44 1.08 4.26
CA ILE C 299 33.18 0.46 2.95
C ILE C 299 34.48 0.24 2.20
N PHE C 300 35.41 1.18 2.31
CA PHE C 300 36.73 1.03 1.71
C PHE C 300 37.43 -0.25 2.19
N SER C 301 37.42 -0.48 3.51
CA SER C 301 38.02 -1.68 4.07
C SER C 301 37.29 -2.97 3.66
N VAL C 302 35.96 -2.92 3.67
CA VAL C 302 35.15 -4.10 3.39
C VAL C 302 35.34 -4.62 1.96
N VAL C 303 35.42 -3.70 1.01
CA VAL C 303 35.46 -4.04 -0.41
C VAL C 303 36.69 -4.86 -0.81
N ALA C 304 37.80 -4.63 -0.12
CA ALA C 304 39.02 -5.38 -0.38
C ALA C 304 38.88 -6.88 -0.08
N GLU C 305 38.03 -7.21 0.89
CA GLU C 305 37.91 -8.59 1.34
C GLU C 305 36.68 -9.31 0.80
N ILE C 306 36.16 -8.83 -0.34
CA ILE C 306 35.00 -9.48 -0.94
C ILE C 306 35.41 -10.49 -2.00
N1 HPA D . 3.69 -16.27 1.37
C2 HPA D . 2.78 -15.79 0.43
N3 HPA D . 2.04 -16.55 -0.36
C4 HPA D . 2.22 -17.91 -0.18
C5 HPA D . 3.14 -18.44 0.78
C6 HPA D . 3.93 -17.64 1.62
O6 HPA D . 4.73 -18.01 2.46
N7 HPA D . 3.06 -19.82 0.68
C8 HPA D . 2.11 -20.11 -0.32
N9 HPA D . 1.59 -18.96 -0.87
N1 HPA E . -14.74 3.14 7.34
C2 HPA E . -14.15 3.96 6.36
N3 HPA E . -14.63 5.14 5.97
C4 HPA E . -15.78 5.53 6.64
C5 HPA E . -16.40 4.73 7.62
C6 HPA E . -15.92 3.47 8.05
O6 HPA E . -16.42 2.74 8.89
N7 HPA E . -17.51 5.43 8.07
C8 HPA E . -17.56 6.63 7.34
N9 HPA E . -16.50 6.72 6.46
N1 HPA F . 11.82 9.01 7.42
C2 HPA F . 11.97 8.45 6.13
N3 HPA F . 13.09 8.52 5.41
C4 HPA F . 14.14 9.17 6.03
C5 HPA F . 14.04 9.74 7.33
C6 HPA F . 12.86 9.68 8.13
O6 HPA F . 12.71 10.14 9.23
N7 HPA F . 15.29 10.29 7.61
C8 HPA F . 16.10 10.07 6.50
N9 HPA F . 15.43 9.38 5.51
#